data_9F6I
#
_entry.id   9F6I
#
_cell.length_a   1.00
_cell.length_b   1.00
_cell.length_c   1.00
_cell.angle_alpha   90.00
_cell.angle_beta   90.00
_cell.angle_gamma   90.00
#
_symmetry.space_group_name_H-M   'P 1'
#
loop_
_entity.id
_entity.type
_entity.pdbx_description
1 polymer 'DNA polymerase epsilon catalytic subunit A'
2 polymer 'DNA nascent strand'
3 polymer 'DNA template strand'
4 non-polymer 'IRON/SULFUR CLUSTER'
5 non-polymer "2',3'-dideoxyadenosine triphosphate"
6 non-polymer 'CALCIUM ION'
#
loop_
_entity_poly.entity_id
_entity_poly.type
_entity_poly.pdbx_seq_one_letter_code
_entity_poly.pdbx_strand_id
1 'polypeptide(L)'
;MSLRSGGRRRADPGADGEASRDDGATSSVSALKRLERSQWTDKMDLRFGFERLKEPGEKTGWLINMHPTEILDEDKRLGS
AVDYYFIQDDGSRFKVALPYKPYFYIATRKGCEREVSSFLSKKFQGKIAKVETVPKEDLDLPNHLVGLKRNYIRLSFHTV
EDLVKVRKEISPAVKKNREQDHASDAYTALLSSVLQRGGVITDEEETSKKIADQLDNIVDMREYDVPYHIRLSIDLKIHV
AHWYNVRYRGNAFPVEITRRDDLVERPDPVVLAFAIATTKLPLKFPDAETDQIMMISYMIDGQGYLITNREIVSEDIEDF
EFTPKPEYEGPFCVFNEPDEAHLIQRWFEHVQETKPTIMVTYNGDFFDWPFVEARAAVHGLSMQQEIGFQKDSQGEYKAP
QCIHMDCLRWVKRDSYLPVGSHNLKAAAKAKLGYDPVELDPEDMCRMATEQPQTLATYSVSDAVATYYLYMKYVHPFIFA
LCTIIPMEPDEVLRKGSGTLCEALLMVQAFHANIIFPNKQEQEFNKLTDDGHVLDSETYVGGHVEALESGVFRSDIPCRF
RMNPAAFDFLLQRVEKTLRHALEEEEKVPVEQVTNFEEVCDEIKSKLASLKDVPSRIECPLIYHLDVGAMYPNIILTNRL
QPSAMVDEATCAACDFNKPGANCQRKMAWQWRGEFMPASRSEYHRIQHQLESEKFPPLFPEGPARAFHELSREEQAKYEK
RRLADYCRKAYKKIHITKVEERLTTICQRENSFYVDTVRAFRDRRYEFKGLHKVWKKKLSAAVEVGDAAEVKRCKNMEVL
YDSLQLAHKCILNSFYGYVMRKGARWYSMEMAGIVCFTGANIITQARELIEQIGRPLELDTDGIWCVLPNSFPENFVFKT
TNVKKPKVTISYPGAMLNIMVKEGFTNDQYQELAEPSSLTYVTRSENSIFFEVDGPYLAMILPASKEEGKKLKKRYAVFN
EDGSLAELKGFEVKRRGELQLIKIFQSSVFEAFLKGSTLEEVYGSVAKVADYWLDVLYSKAANMPDSELFELISENRSMS
RKLEDYGEQKSTSISTAKRLAEFLGDQMVKDAGLSCRYIISRKPEGSPVTERAIPLAIFQAEPTVRKHFLRKWLKSSSLQ
DFDIRAILDWDYYIERLGSAIQKIITIPAALQQVKNPVPRVKHPDWLHKKLLEKNDVYKQKKISELFTLEGRRQVTMAEA
;
A
2 'polydeoxyribonucleotide'
;(DT)(DT)(DT)(DT)(DT)(DT)(DT)(DT)(DA)(DT)(DC)(DT)(DG)(DA)(DA)(DG)(DT)(DT)(DC)(DG)
(DA)(DA)(DT)(DC)(DC)(DT)(DG)(DG)(DA)(DT)(DC)
;
P
3 'polydeoxyribonucleotide'
;(DT)(DT)(DT)(DT)(DT)(DT)(DT)(DT)(DA)(DT)(DC)(DC)(DA)(DG)(DG)(DA)(DT)(DT)(DC)(DG)
(DA)(DA)(DC)(DT)(DT)(DC)(DA)(DG)(DA)(DT)(DC)
;
T
#
# COMPACT_ATOMS: atom_id res chain seq x y z
N SER A 27 -33.00 -2.98 -30.02
CA SER A 27 -32.70 -4.24 -29.33
C SER A 27 -31.82 -5.13 -30.21
N SER A 28 -32.26 -5.35 -31.45
CA SER A 28 -31.61 -6.32 -32.31
C SER A 28 -30.15 -5.95 -32.54
N VAL A 29 -29.83 -4.66 -32.61
CA VAL A 29 -28.44 -4.24 -32.72
C VAL A 29 -27.62 -4.73 -31.53
N SER A 30 -28.14 -4.52 -30.32
CA SER A 30 -27.49 -5.05 -29.11
C SER A 30 -27.36 -6.57 -29.15
N ALA A 31 -28.45 -7.26 -29.51
CA ALA A 31 -28.43 -8.73 -29.54
C ALA A 31 -27.38 -9.27 -30.50
N LEU A 32 -27.31 -8.71 -31.71
CA LEU A 32 -26.31 -9.16 -32.67
C LEU A 32 -24.89 -8.71 -32.31
N LYS A 33 -24.74 -7.55 -31.69
CA LYS A 33 -23.41 -7.16 -31.19
C LYS A 33 -22.91 -8.15 -30.13
N ARG A 34 -23.78 -8.50 -29.19
CA ARG A 34 -23.42 -9.45 -28.15
C ARG A 34 -23.13 -10.84 -28.70
N LEU A 35 -23.94 -11.33 -29.64
CA LEU A 35 -23.64 -12.61 -30.28
C LEU A 35 -22.35 -12.55 -31.10
N GLU A 36 -22.10 -11.45 -31.81
CA GLU A 36 -20.88 -11.34 -32.59
C GLU A 36 -19.65 -11.38 -31.70
N ARG A 37 -19.63 -10.57 -30.63
CA ARG A 37 -18.48 -10.59 -29.74
C ARG A 37 -18.33 -11.92 -29.02
N SER A 38 -19.43 -12.56 -28.63
CA SER A 38 -19.35 -13.87 -28.02
C SER A 38 -18.73 -14.91 -28.96
N GLN A 39 -19.15 -14.92 -30.22
CA GLN A 39 -18.58 -15.85 -31.19
C GLN A 39 -17.12 -15.51 -31.53
N TRP A 40 -16.77 -14.23 -31.54
CA TRP A 40 -15.38 -13.88 -31.78
C TRP A 40 -14.49 -14.35 -30.63
N THR A 41 -14.88 -14.04 -29.38
CA THR A 41 -14.06 -14.47 -28.26
C THR A 41 -13.96 -15.98 -28.19
N ASP A 42 -15.06 -16.68 -28.49
CA ASP A 42 -15.04 -18.14 -28.45
C ASP A 42 -14.17 -18.75 -29.55
N LYS A 43 -14.09 -18.13 -30.71
CA LYS A 43 -13.11 -18.57 -31.71
C LYS A 43 -11.69 -18.19 -31.35
N MET A 44 -11.49 -17.04 -30.71
CA MET A 44 -10.13 -16.64 -30.33
C MET A 44 -9.57 -17.59 -29.27
N ASP A 45 -10.34 -17.87 -28.22
CA ASP A 45 -9.86 -18.78 -27.20
C ASP A 45 -9.83 -20.23 -27.66
N LEU A 46 -10.73 -20.63 -28.57
CA LEU A 46 -10.52 -21.91 -29.27
C LEU A 46 -9.18 -21.96 -29.99
N ARG A 47 -8.74 -20.84 -30.57
CA ARG A 47 -7.44 -20.84 -31.26
C ARG A 47 -6.29 -21.13 -30.30
N PHE A 48 -6.37 -20.61 -29.08
CA PHE A 48 -5.35 -20.92 -28.07
C PHE A 48 -5.59 -22.25 -27.36
N GLY A 49 -6.63 -22.99 -27.72
CA GLY A 49 -6.77 -24.37 -27.28
C GLY A 49 -7.75 -24.60 -26.15
N PHE A 50 -8.36 -23.55 -25.62
CA PHE A 50 -9.39 -23.71 -24.58
C PHE A 50 -10.70 -24.16 -25.23
N GLU A 51 -10.70 -25.41 -25.67
CA GLU A 51 -11.92 -26.00 -26.19
C GLU A 51 -13.02 -25.98 -25.12
N ARG A 52 -14.23 -25.68 -25.55
CA ARG A 52 -15.38 -25.85 -24.68
C ARG A 52 -15.66 -27.34 -24.45
N LEU A 53 -16.02 -27.67 -23.20
CA LEU A 53 -16.43 -29.02 -22.86
C LEU A 53 -17.74 -29.37 -23.56
N LYS A 54 -17.71 -30.43 -24.36
CA LYS A 54 -18.77 -30.78 -25.29
C LYS A 54 -19.50 -32.06 -24.92
N GLU A 55 -18.79 -33.04 -24.33
CA GLU A 55 -19.23 -34.43 -24.31
C GLU A 55 -19.74 -34.79 -22.93
N PRO A 56 -20.88 -35.46 -22.82
CA PRO A 56 -21.33 -35.98 -21.52
C PRO A 56 -20.22 -36.76 -20.81
N GLY A 57 -19.97 -36.39 -19.57
CA GLY A 57 -18.83 -36.94 -18.85
C GLY A 57 -18.42 -36.04 -17.70
N GLU A 58 -17.41 -36.53 -16.96
CA GLU A 58 -16.87 -35.85 -15.81
C GLU A 58 -15.36 -35.69 -15.95
N LYS A 59 -14.88 -34.50 -15.62
CA LYS A 59 -13.46 -34.17 -15.73
C LYS A 59 -13.06 -33.39 -14.50
N THR A 60 -11.74 -33.29 -14.27
CA THR A 60 -11.22 -32.53 -13.15
C THR A 60 -10.20 -31.52 -13.66
N GLY A 61 -10.11 -30.39 -12.96
CA GLY A 61 -9.18 -29.36 -13.39
C GLY A 61 -9.00 -28.25 -12.38
N TRP A 62 -7.84 -27.60 -12.49
CA TRP A 62 -7.49 -26.44 -11.69
C TRP A 62 -8.10 -25.18 -12.33
N LEU A 63 -8.96 -24.49 -11.58
CA LEU A 63 -9.61 -23.29 -12.11
C LEU A 63 -8.61 -22.14 -12.16
N ILE A 64 -8.45 -21.52 -13.33
CA ILE A 64 -7.46 -20.46 -13.49
C ILE A 64 -8.06 -19.10 -13.86
N ASN A 65 -9.23 -19.08 -14.49
CA ASN A 65 -9.81 -17.80 -14.89
C ASN A 65 -11.32 -17.92 -15.02
N MET A 66 -11.99 -16.77 -14.97
CA MET A 66 -13.43 -16.69 -15.19
C MET A 66 -13.77 -15.36 -15.85
N HIS A 67 -14.73 -15.41 -16.80
CA HIS A 67 -15.22 -14.21 -17.50
C HIS A 67 -16.70 -14.35 -17.81
N PRO A 68 -17.48 -13.27 -17.67
CA PRO A 68 -18.92 -13.35 -17.95
C PRO A 68 -19.28 -13.37 -19.43
N THR A 69 -20.34 -14.11 -19.75
CA THR A 69 -20.75 -14.41 -21.12
C THR A 69 -22.24 -14.73 -21.10
N GLU A 70 -22.89 -14.52 -22.25
CA GLU A 70 -24.30 -14.87 -22.42
C GLU A 70 -24.46 -16.00 -23.43
N ILE A 71 -25.44 -16.88 -23.17
CA ILE A 71 -25.70 -18.06 -23.98
C ILE A 71 -27.21 -18.28 -24.10
N LEU A 72 -27.60 -19.02 -25.12
CA LEU A 72 -29.01 -19.31 -25.38
C LEU A 72 -29.52 -20.39 -24.45
N ASP A 73 -30.79 -20.26 -24.04
CA ASP A 73 -31.49 -21.26 -23.26
C ASP A 73 -32.31 -22.19 -24.17
N GLU A 74 -33.09 -23.07 -23.55
CA GLU A 74 -33.94 -24.02 -24.28
C GLU A 74 -35.10 -23.31 -24.97
N ASP A 75 -35.43 -22.09 -24.56
CA ASP A 75 -36.39 -21.26 -25.28
C ASP A 75 -35.73 -20.46 -26.40
N LYS A 76 -34.44 -20.69 -26.65
CA LYS A 76 -33.68 -19.96 -27.65
C LYS A 76 -33.59 -18.48 -27.29
N ARG A 77 -33.69 -18.18 -26.00
CA ARG A 77 -33.60 -16.83 -25.47
C ARG A 77 -32.22 -16.67 -24.84
N LEU A 78 -31.60 -15.51 -25.05
CA LEU A 78 -30.34 -15.23 -24.38
C LEU A 78 -30.53 -15.20 -22.86
N GLY A 79 -29.49 -15.66 -22.16
CA GLY A 79 -29.44 -15.51 -20.71
C GLY A 79 -28.00 -15.34 -20.27
N SER A 80 -27.85 -14.81 -19.06
CA SER A 80 -26.54 -14.51 -18.53
C SER A 80 -25.84 -15.78 -18.04
N ALA A 81 -24.53 -15.85 -18.27
CA ALA A 81 -23.73 -16.99 -17.84
C ALA A 81 -22.33 -16.49 -17.49
N VAL A 82 -21.55 -17.37 -16.87
CA VAL A 82 -20.14 -17.10 -16.60
C VAL A 82 -19.30 -18.27 -17.11
N ASP A 83 -18.28 -17.96 -17.91
CA ASP A 83 -17.29 -18.96 -18.29
C ASP A 83 -16.29 -19.19 -17.18
N TYR A 84 -15.98 -20.46 -16.93
CA TYR A 84 -14.88 -20.91 -16.10
C TYR A 84 -13.84 -21.61 -16.98
N TYR A 85 -12.58 -21.25 -16.79
CA TYR A 85 -11.46 -21.80 -17.54
C TYR A 85 -10.66 -22.73 -16.63
N PHE A 86 -10.54 -24.00 -17.02
CA PHE A 86 -9.85 -25.00 -16.24
C PHE A 86 -8.62 -25.48 -17.01
N ILE A 87 -7.56 -25.78 -16.28
CA ILE A 87 -6.34 -26.36 -16.81
C ILE A 87 -6.06 -27.66 -16.09
N GLN A 88 -5.71 -28.70 -16.84
CA GLN A 88 -5.55 -30.03 -16.28
C GLN A 88 -4.08 -30.34 -15.99
N ASP A 89 -3.88 -31.38 -15.19
CA ASP A 89 -2.54 -31.84 -14.85
C ASP A 89 -1.68 -32.08 -16.09
N ASP A 90 -2.26 -32.73 -17.10
CA ASP A 90 -1.52 -33.11 -18.31
C ASP A 90 -1.32 -31.97 -19.30
N GLY A 91 -1.78 -30.76 -18.99
CA GLY A 91 -1.68 -29.66 -19.90
C GLY A 91 -2.87 -29.44 -20.82
N SER A 92 -3.86 -30.33 -20.78
CA SER A 92 -5.09 -30.07 -21.51
C SER A 92 -5.91 -29.00 -20.79
N ARG A 93 -6.88 -28.44 -21.51
CA ARG A 93 -7.58 -27.23 -21.08
C ARG A 93 -9.03 -27.35 -21.49
N PHE A 94 -9.93 -26.74 -20.70
CA PHE A 94 -11.33 -26.75 -21.10
C PHE A 94 -12.08 -25.57 -20.49
N LYS A 95 -13.17 -25.20 -21.16
CA LYS A 95 -14.10 -24.17 -20.70
C LYS A 95 -15.44 -24.80 -20.31
N VAL A 96 -16.10 -24.16 -19.35
CA VAL A 96 -17.48 -24.50 -18.98
C VAL A 96 -18.25 -23.20 -18.77
N ALA A 97 -19.52 -23.18 -19.15
CA ALA A 97 -20.36 -22.00 -18.95
C ALA A 97 -21.51 -22.33 -18.01
N LEU A 98 -21.67 -21.50 -16.97
CA LEU A 98 -22.70 -21.72 -15.95
C LEU A 98 -23.74 -20.60 -15.99
N PRO A 99 -25.01 -20.92 -16.25
CA PRO A 99 -26.06 -19.88 -16.35
C PRO A 99 -26.65 -19.51 -15.00
N TYR A 100 -26.80 -18.22 -14.73
CA TYR A 100 -27.26 -17.77 -13.42
C TYR A 100 -27.99 -16.43 -13.58
N LYS A 101 -29.00 -16.22 -12.72
CA LYS A 101 -29.88 -15.05 -12.83
C LYS A 101 -29.55 -13.99 -11.79
N PRO A 102 -29.26 -12.74 -12.17
CA PRO A 102 -29.06 -11.67 -11.19
C PRO A 102 -30.37 -11.14 -10.63
N TYR A 103 -30.27 -10.48 -9.48
CA TYR A 103 -31.45 -10.15 -8.68
C TYR A 103 -31.13 -9.00 -7.74
N PHE A 104 -32.18 -8.39 -7.18
CA PHE A 104 -32.02 -7.43 -6.08
C PHE A 104 -33.26 -7.44 -5.19
N TYR A 105 -33.14 -6.81 -4.03
CA TYR A 105 -34.19 -6.80 -3.01
C TYR A 105 -34.81 -5.42 -2.88
N ILE A 106 -36.11 -5.41 -2.57
CA ILE A 106 -36.87 -4.21 -2.26
C ILE A 106 -37.71 -4.46 -1.01
N ALA A 107 -38.12 -3.38 -0.35
CA ALA A 107 -38.90 -3.46 0.87
C ALA A 107 -40.16 -2.63 0.72
N THR A 108 -41.19 -2.97 1.50
CA THR A 108 -42.50 -2.36 1.35
C THR A 108 -43.13 -2.12 2.72
N ARG A 109 -44.11 -1.23 2.74
CA ARG A 109 -44.89 -0.97 3.95
C ARG A 109 -45.78 -2.16 4.29
N LYS A 110 -46.36 -2.10 5.50
CA LYS A 110 -47.20 -3.14 6.08
C LYS A 110 -48.12 -3.80 5.07
N GLY A 111 -48.00 -5.12 4.94
CA GLY A 111 -48.89 -5.95 4.16
C GLY A 111 -48.85 -5.76 2.66
N CYS A 112 -48.04 -4.84 2.15
CA CYS A 112 -48.13 -4.46 0.75
C CYS A 112 -47.51 -5.49 -0.20
N GLU A 113 -46.85 -6.53 0.32
CA GLU A 113 -45.99 -7.35 -0.53
C GLU A 113 -46.77 -8.13 -1.59
N ARG A 114 -47.99 -8.57 -1.29
CA ARG A 114 -48.77 -9.29 -2.29
C ARG A 114 -49.28 -8.34 -3.38
N GLU A 115 -49.85 -7.21 -2.97
CA GLU A 115 -50.31 -6.20 -3.92
C GLU A 115 -49.15 -5.66 -4.75
N VAL A 116 -48.05 -5.29 -4.09
CA VAL A 116 -46.92 -4.73 -4.79
C VAL A 116 -46.27 -5.74 -5.72
N SER A 117 -46.08 -6.98 -5.26
CA SER A 117 -45.49 -7.98 -6.14
C SER A 117 -46.39 -8.34 -7.33
N SER A 118 -47.71 -8.34 -7.15
CA SER A 118 -48.61 -8.57 -8.29
C SER A 118 -48.60 -7.41 -9.27
N PHE A 119 -48.63 -6.17 -8.77
CA PHE A 119 -48.46 -5.02 -9.65
C PHE A 119 -47.13 -5.07 -10.39
N LEU A 120 -46.04 -5.34 -9.67
CA LEU A 120 -44.73 -5.44 -10.29
C LEU A 120 -44.72 -6.47 -11.42
N SER A 121 -45.30 -7.64 -11.18
CA SER A 121 -45.25 -8.71 -12.16
C SER A 121 -46.14 -8.47 -13.37
N LYS A 122 -47.30 -7.82 -13.21
CA LYS A 122 -48.07 -7.41 -14.39
C LYS A 122 -47.46 -6.20 -15.11
N LYS A 123 -46.90 -5.25 -14.37
CA LYS A 123 -46.36 -4.04 -14.99
C LYS A 123 -45.12 -4.33 -15.82
N PHE A 124 -44.14 -5.02 -15.25
CA PHE A 124 -42.90 -5.35 -15.94
C PHE A 124 -42.93 -6.76 -16.54
N GLN A 125 -44.10 -7.18 -17.02
CA GLN A 125 -44.28 -8.53 -17.51
C GLN A 125 -43.28 -8.86 -18.60
N GLY A 126 -42.81 -10.12 -18.60
CA GLY A 126 -41.81 -10.59 -19.54
C GLY A 126 -40.39 -10.11 -19.31
N LYS A 127 -40.19 -9.07 -18.51
CA LYS A 127 -38.84 -8.61 -18.20
C LYS A 127 -38.29 -9.15 -16.89
N ILE A 128 -39.13 -9.41 -15.91
CA ILE A 128 -38.70 -9.89 -14.60
C ILE A 128 -39.11 -11.36 -14.46
N ALA A 129 -38.15 -12.21 -14.09
CA ALA A 129 -38.34 -13.65 -14.17
C ALA A 129 -39.16 -14.17 -12.99
N LYS A 130 -38.82 -13.75 -11.78
CA LYS A 130 -39.48 -14.26 -10.58
C LYS A 130 -39.46 -13.20 -9.49
N VAL A 131 -40.49 -13.24 -8.64
CA VAL A 131 -40.56 -12.39 -7.46
C VAL A 131 -41.00 -13.24 -6.27
N GLU A 132 -40.42 -12.99 -5.10
CA GLU A 132 -40.69 -13.84 -3.95
C GLU A 132 -40.39 -13.08 -2.66
N THR A 133 -41.00 -13.55 -1.56
CA THR A 133 -40.85 -12.91 -0.26
C THR A 133 -39.86 -13.69 0.61
N VAL A 134 -38.92 -12.98 1.21
CA VAL A 134 -37.84 -13.61 1.99
C VAL A 134 -37.71 -12.84 3.31
N PRO A 135 -37.78 -13.50 4.47
CA PRO A 135 -37.44 -12.81 5.73
C PRO A 135 -35.93 -12.73 5.92
N LYS A 136 -35.42 -11.51 6.06
CA LYS A 136 -34.00 -11.27 6.28
C LYS A 136 -33.78 -10.62 7.64
N GLU A 137 -32.63 -10.93 8.23
CA GLU A 137 -32.18 -10.37 9.51
C GLU A 137 -31.28 -9.17 9.25
N ASP A 138 -31.81 -7.96 9.45
CA ASP A 138 -31.05 -6.73 9.27
C ASP A 138 -30.69 -6.15 10.63
N LEU A 139 -29.40 -5.86 10.81
CA LEU A 139 -28.85 -5.44 12.09
C LEU A 139 -29.29 -4.05 12.52
N ASP A 140 -30.09 -3.36 11.72
CA ASP A 140 -30.58 -2.03 12.04
C ASP A 140 -32.04 -2.02 12.49
N LEU A 141 -32.70 -3.16 12.48
CA LEU A 141 -34.09 -3.21 12.92
C LEU A 141 -34.15 -2.96 14.43
N PRO A 142 -34.94 -1.99 14.89
CA PRO A 142 -35.11 -1.79 16.33
C PRO A 142 -35.55 -3.06 17.05
N ASN A 143 -34.92 -3.31 18.20
CA ASN A 143 -35.21 -4.47 19.04
C ASN A 143 -34.91 -5.80 18.35
N HIS A 144 -33.99 -5.81 17.38
CA HIS A 144 -33.74 -7.02 16.63
C HIS A 144 -33.05 -8.10 17.45
N LEU A 145 -32.41 -7.73 18.56
CA LEU A 145 -31.66 -8.72 19.35
C LEU A 145 -32.57 -9.82 19.88
N VAL A 146 -33.83 -9.51 20.17
CA VAL A 146 -34.78 -10.54 20.58
C VAL A 146 -34.95 -11.60 19.52
N GLY A 147 -34.79 -11.25 18.24
CA GLY A 147 -34.83 -12.25 17.18
C GLY A 147 -35.73 -11.89 16.02
N LEU A 148 -36.28 -10.68 16.03
CA LEU A 148 -37.12 -10.23 14.93
C LEU A 148 -36.31 -10.07 13.64
N LYS A 149 -37.04 -10.10 12.53
CA LYS A 149 -36.48 -9.88 11.20
C LYS A 149 -37.61 -9.40 10.29
N ARG A 150 -37.24 -8.86 9.13
CA ARG A 150 -38.22 -8.19 8.28
C ARG A 150 -38.23 -8.76 6.87
N ASN A 151 -39.39 -8.66 6.22
CA ASN A 151 -39.65 -9.26 4.92
C ASN A 151 -39.16 -8.36 3.79
N TYR A 152 -38.17 -8.83 3.03
CA TYR A 152 -37.73 -8.20 1.79
C TYR A 152 -38.24 -9.02 0.61
N ILE A 153 -38.81 -8.35 -0.38
CA ILE A 153 -39.15 -9.00 -1.64
C ILE A 153 -37.90 -9.07 -2.52
N ARG A 154 -37.65 -10.23 -3.10
CA ARG A 154 -36.60 -10.40 -4.09
C ARG A 154 -37.23 -10.35 -5.48
N LEU A 155 -36.61 -9.56 -6.37
CA LEU A 155 -36.90 -9.54 -7.80
C LEU A 155 -35.70 -10.10 -8.55
N SER A 156 -35.95 -11.02 -9.49
CA SER A 156 -34.86 -11.61 -10.26
C SER A 156 -35.20 -11.60 -11.75
N PHE A 157 -34.18 -11.36 -12.57
CA PHE A 157 -34.33 -10.94 -13.95
C PHE A 157 -33.60 -11.91 -14.88
N HIS A 158 -34.05 -11.97 -16.14
CA HIS A 158 -33.40 -12.85 -17.10
C HIS A 158 -32.00 -12.38 -17.44
N THR A 159 -31.76 -11.07 -17.47
CA THR A 159 -30.48 -10.54 -17.91
C THR A 159 -30.24 -9.19 -17.26
N VAL A 160 -28.96 -8.89 -17.03
CA VAL A 160 -28.56 -7.62 -16.42
C VAL A 160 -28.98 -6.43 -17.25
N GLU A 161 -29.03 -6.59 -18.58
CA GLU A 161 -29.58 -5.55 -19.44
C GLU A 161 -30.99 -5.18 -19.02
N ASP A 162 -31.80 -6.16 -18.63
CA ASP A 162 -33.16 -5.86 -18.22
C ASP A 162 -33.22 -5.44 -16.76
N LEU A 163 -32.24 -5.87 -15.97
CA LEU A 163 -32.18 -5.48 -14.57
C LEU A 163 -31.95 -3.97 -14.42
N VAL A 164 -31.03 -3.43 -15.22
CA VAL A 164 -30.73 -2.00 -15.13
C VAL A 164 -31.96 -1.14 -15.42
N LYS A 165 -32.78 -1.55 -16.40
CA LYS A 165 -33.95 -0.76 -16.76
C LYS A 165 -34.98 -0.72 -15.63
N VAL A 166 -35.23 -1.85 -14.99
CA VAL A 166 -36.18 -1.86 -13.88
C VAL A 166 -35.60 -1.13 -12.67
N ARG A 167 -34.31 -1.27 -12.42
CA ARG A 167 -33.64 -0.47 -11.40
C ARG A 167 -33.86 1.03 -11.60
N LYS A 168 -33.66 1.50 -12.83
CA LYS A 168 -33.85 2.93 -13.15
C LYS A 168 -35.31 3.35 -13.12
N GLU A 169 -36.24 2.45 -13.41
CA GLU A 169 -37.66 2.75 -13.20
C GLU A 169 -38.03 2.81 -11.72
N ILE A 170 -37.39 2.00 -10.89
CA ILE A 170 -37.75 1.93 -9.47
C ILE A 170 -37.18 3.09 -8.69
N SER A 171 -35.87 3.35 -8.84
CA SER A 171 -35.17 4.19 -7.87
C SER A 171 -35.67 5.64 -7.77
N PRO A 172 -36.22 6.27 -8.82
CA PRO A 172 -36.82 7.60 -8.62
C PRO A 172 -37.94 7.64 -7.59
N ALA A 173 -38.72 6.58 -7.42
CA ALA A 173 -39.72 6.54 -6.37
C ALA A 173 -39.12 6.29 -4.99
N VAL A 174 -38.04 5.52 -4.92
CA VAL A 174 -37.33 5.32 -3.65
C VAL A 174 -36.69 6.60 -3.18
N LYS A 175 -36.13 7.40 -4.09
CA LYS A 175 -35.51 8.66 -3.69
C LYS A 175 -36.50 9.58 -2.99
N LYS A 176 -37.68 9.79 -3.59
CA LYS A 176 -38.72 10.58 -2.93
C LYS A 176 -39.20 9.94 -1.63
N ASN A 177 -39.37 8.60 -1.62
CA ASN A 177 -39.87 7.98 -0.40
C ASN A 177 -38.88 8.13 0.75
N ARG A 178 -37.59 7.92 0.46
CA ARG A 178 -36.55 8.17 1.46
C ARG A 178 -36.56 9.62 1.95
N GLU A 179 -36.77 10.58 1.03
CA GLU A 179 -36.74 11.97 1.46
C GLU A 179 -37.97 12.34 2.29
N GLN A 180 -39.13 11.73 2.01
CA GLN A 180 -40.26 11.89 2.93
C GLN A 180 -40.04 11.11 4.22
N ASP A 181 -39.69 9.83 4.12
CA ASP A 181 -39.23 9.07 5.27
C ASP A 181 -37.81 9.47 5.66
N ASP A 213 -51.43 4.64 -5.45
CA ASP A 213 -50.66 3.83 -6.39
C ASP A 213 -49.72 2.89 -5.63
N GLN A 214 -49.46 1.72 -6.21
CA GLN A 214 -48.62 0.74 -5.54
C GLN A 214 -47.15 1.15 -5.56
N LEU A 215 -46.71 1.77 -6.65
CA LEU A 215 -45.29 2.09 -6.80
C LEU A 215 -44.82 3.10 -5.74
N ASP A 216 -45.72 3.97 -5.29
CA ASP A 216 -45.43 4.84 -4.15
C ASP A 216 -45.05 4.05 -2.90
N ASN A 217 -45.58 2.84 -2.73
CA ASN A 217 -45.39 2.13 -1.47
C ASN A 217 -43.98 1.60 -1.26
N ILE A 218 -43.25 1.24 -2.32
CA ILE A 218 -41.96 0.58 -2.14
C ILE A 218 -40.95 1.56 -1.55
N VAL A 219 -40.32 1.16 -0.45
CA VAL A 219 -39.65 2.09 0.44
C VAL A 219 -38.12 2.02 0.35
N ASP A 220 -37.55 0.90 -0.07
CA ASP A 220 -36.09 0.78 -0.12
C ASP A 220 -35.70 -0.30 -1.11
N MET A 221 -34.43 -0.27 -1.52
CA MET A 221 -33.83 -1.32 -2.32
C MET A 221 -32.40 -1.56 -1.89
N ARG A 222 -31.95 -2.81 -2.00
CA ARG A 222 -30.65 -3.23 -1.49
C ARG A 222 -29.95 -4.16 -2.49
N GLU A 223 -28.62 -4.22 -2.37
CA GLU A 223 -27.78 -5.16 -3.10
C GLU A 223 -27.84 -4.98 -4.62
N TYR A 224 -28.35 -3.84 -5.10
CA TYR A 224 -28.55 -3.63 -6.52
C TYR A 224 -27.27 -3.30 -7.30
N ASP A 225 -26.10 -3.29 -6.66
CA ASP A 225 -24.89 -2.88 -7.36
C ASP A 225 -23.66 -3.75 -7.07
N VAL A 226 -23.83 -4.99 -6.61
CA VAL A 226 -22.74 -5.96 -6.64
C VAL A 226 -22.53 -6.48 -8.07
N PRO A 227 -21.27 -6.58 -8.53
CA PRO A 227 -21.03 -7.14 -9.87
C PRO A 227 -21.54 -8.57 -10.01
N TYR A 228 -21.80 -8.96 -11.26
CA TYR A 228 -22.40 -10.25 -11.54
C TYR A 228 -21.46 -11.42 -11.22
N HIS A 229 -20.17 -11.28 -11.54
CA HIS A 229 -19.25 -12.37 -11.24
C HIS A 229 -18.84 -12.40 -9.77
N ILE A 230 -18.83 -11.25 -9.11
CA ILE A 230 -18.67 -11.24 -7.67
C ILE A 230 -19.86 -11.96 -7.03
N ARG A 231 -21.07 -11.59 -7.44
CA ARG A 231 -22.26 -12.20 -6.87
C ARG A 231 -22.26 -13.72 -7.07
N LEU A 232 -21.84 -14.18 -8.25
CA LEU A 232 -21.79 -15.62 -8.51
C LEU A 232 -20.71 -16.33 -7.69
N SER A 233 -19.53 -15.73 -7.52
CA SER A 233 -18.51 -16.33 -6.67
C SER A 233 -18.93 -16.34 -5.20
N ILE A 234 -19.61 -15.30 -4.74
CA ILE A 234 -20.14 -15.30 -3.37
C ILE A 234 -21.17 -16.40 -3.21
N ASP A 235 -22.15 -16.44 -4.10
CA ASP A 235 -23.33 -17.28 -3.89
C ASP A 235 -23.02 -18.76 -4.09
N LEU A 236 -22.19 -19.11 -5.07
CA LEU A 236 -21.85 -20.51 -5.29
C LEU A 236 -20.51 -20.94 -4.71
N LYS A 237 -19.77 -20.03 -4.06
CA LYS A 237 -18.55 -20.40 -3.35
C LYS A 237 -17.51 -21.01 -4.29
N ILE A 238 -17.27 -20.33 -5.41
CA ILE A 238 -16.31 -20.75 -6.41
C ILE A 238 -15.12 -19.80 -6.38
N HIS A 239 -13.92 -20.36 -6.27
CA HIS A 239 -12.71 -19.61 -5.99
C HIS A 239 -11.57 -20.19 -6.83
N VAL A 240 -10.57 -19.36 -7.10
CA VAL A 240 -9.56 -19.65 -8.11
C VAL A 240 -8.31 -20.19 -7.42
N ALA A 241 -7.60 -21.06 -8.14
CA ALA A 241 -6.46 -21.84 -7.65
C ALA A 241 -6.86 -23.04 -6.81
N HIS A 242 -8.10 -23.49 -6.88
CA HIS A 242 -8.50 -24.79 -6.34
C HIS A 242 -8.68 -25.82 -7.45
N TRP A 243 -8.78 -27.09 -7.05
CA TRP A 243 -9.07 -28.20 -7.93
C TRP A 243 -10.56 -28.55 -7.86
N TYR A 244 -11.15 -28.87 -9.01
CA TYR A 244 -12.58 -29.15 -9.06
C TYR A 244 -12.87 -30.39 -9.89
N ASN A 245 -13.97 -31.06 -9.54
CA ASN A 245 -14.69 -31.97 -10.42
C ASN A 245 -15.81 -31.22 -11.12
N VAL A 246 -15.89 -31.37 -12.45
CA VAL A 246 -16.98 -30.81 -13.25
C VAL A 246 -17.69 -31.93 -13.98
N ARG A 247 -19.02 -31.96 -13.82
CA ARG A 247 -19.88 -33.05 -14.27
C ARG A 247 -20.88 -32.45 -15.24
N TYR A 248 -20.91 -32.97 -16.47
CA TYR A 248 -21.67 -32.35 -17.56
C TYR A 248 -22.69 -33.33 -18.11
N ARG A 249 -23.85 -32.80 -18.50
CA ARG A 249 -24.99 -33.62 -18.89
C ARG A 249 -25.68 -33.09 -20.15
N GLY A 250 -25.00 -32.26 -20.93
CA GLY A 250 -25.63 -31.54 -22.02
C GLY A 250 -26.42 -30.35 -21.52
N ASN A 251 -27.24 -29.81 -22.43
CA ASN A 251 -28.16 -28.74 -22.05
C ASN A 251 -29.28 -29.21 -21.15
N ALA A 252 -29.49 -30.53 -21.02
CA ALA A 252 -30.63 -31.03 -20.27
C ALA A 252 -30.59 -30.61 -18.81
N PHE A 253 -29.40 -30.38 -18.25
CA PHE A 253 -29.29 -30.03 -16.84
C PHE A 253 -28.09 -29.11 -16.64
N PRO A 254 -28.14 -28.24 -15.62
CA PRO A 254 -26.97 -27.43 -15.27
C PRO A 254 -25.73 -28.28 -15.01
N VAL A 255 -24.59 -27.77 -15.45
CA VAL A 255 -23.30 -28.41 -15.17
C VAL A 255 -22.99 -28.25 -13.69
N GLU A 256 -22.44 -29.30 -13.07
CA GLU A 256 -22.16 -29.29 -11.64
C GLU A 256 -20.66 -29.24 -11.37
N ILE A 257 -20.24 -28.27 -10.54
CA ILE A 257 -18.85 -28.08 -10.17
C ILE A 257 -18.74 -28.27 -8.66
N THR A 258 -17.91 -29.23 -8.24
CA THR A 258 -17.70 -29.51 -6.83
C THR A 258 -16.22 -29.59 -6.51
N ARG A 259 -15.79 -28.89 -5.46
CA ARG A 259 -14.39 -28.84 -5.09
C ARG A 259 -13.97 -30.13 -4.41
N ARG A 260 -12.72 -30.55 -4.67
CA ARG A 260 -12.09 -31.62 -3.91
C ARG A 260 -10.82 -31.10 -3.26
N ASP A 261 -10.73 -31.24 -1.95
CA ASP A 261 -9.67 -30.68 -1.12
C ASP A 261 -8.44 -31.56 -0.98
N ASP A 262 -8.43 -32.75 -1.58
CA ASP A 262 -7.33 -33.68 -1.43
C ASP A 262 -6.22 -33.51 -2.46
N LEU A 263 -6.34 -32.58 -3.39
CA LEU A 263 -5.30 -32.30 -4.38
C LEU A 263 -4.63 -30.99 -4.01
N VAL A 264 -3.30 -31.02 -3.84
CA VAL A 264 -2.55 -29.96 -3.20
C VAL A 264 -1.52 -29.31 -4.12
N GLU A 265 -0.85 -30.09 -4.97
CA GLU A 265 0.10 -29.51 -5.91
C GLU A 265 -0.59 -28.61 -6.93
N ARG A 266 -0.08 -27.39 -7.05
CA ARG A 266 -0.45 -26.51 -8.16
C ARG A 266 0.18 -27.00 -9.46
N PRO A 267 -0.54 -26.88 -10.59
CA PRO A 267 0.10 -27.09 -11.90
C PRO A 267 1.05 -25.95 -12.23
N ASP A 268 1.75 -26.09 -13.35
CA ASP A 268 2.84 -25.18 -13.75
C ASP A 268 2.50 -24.51 -15.07
N PRO A 269 1.85 -23.34 -15.05
CA PRO A 269 1.43 -22.71 -16.31
C PRO A 269 2.61 -22.13 -17.08
N VAL A 270 2.45 -22.07 -18.40
CA VAL A 270 3.48 -21.51 -19.28
C VAL A 270 3.49 -19.99 -19.17
N VAL A 271 4.62 -19.44 -18.73
CA VAL A 271 4.79 -18.00 -18.49
C VAL A 271 5.74 -17.43 -19.54
N LEU A 272 5.36 -16.31 -20.15
CA LEU A 272 6.20 -15.59 -21.10
C LEU A 272 6.46 -14.17 -20.61
N ALA A 273 7.73 -13.78 -20.58
CA ALA A 273 8.14 -12.45 -20.11
C ALA A 273 8.95 -11.75 -21.19
N PHE A 274 8.59 -10.50 -21.53
CA PHE A 274 9.18 -9.89 -22.71
C PHE A 274 9.56 -8.42 -22.50
N ALA A 275 10.55 -7.97 -23.28
CA ALA A 275 11.02 -6.59 -23.32
C ALA A 275 11.40 -6.19 -24.75
N ILE A 276 11.27 -4.90 -25.05
CA ILE A 276 11.57 -4.37 -26.38
C ILE A 276 12.56 -3.21 -26.27
N ALA A 277 13.37 -3.04 -27.31
CA ALA A 277 14.27 -1.88 -27.43
C ALA A 277 14.10 -1.23 -28.80
N THR A 278 14.12 0.11 -28.81
CA THR A 278 13.80 0.92 -29.99
C THR A 278 14.85 2.00 -30.24
N THR A 279 14.90 2.45 -31.49
CA THR A 279 15.56 3.69 -31.88
C THR A 279 14.83 4.93 -31.33
N LYS A 280 15.53 6.06 -31.36
CA LYS A 280 14.91 7.36 -31.15
C LYS A 280 15.85 8.45 -31.64
N LEU A 281 15.30 9.65 -31.80
CA LEU A 281 16.13 10.81 -32.10
C LEU A 281 16.99 11.21 -30.90
N PRO A 282 18.20 11.69 -31.14
CA PRO A 282 19.07 12.11 -30.02
C PRO A 282 18.37 13.03 -29.03
N LEU A 283 18.65 12.80 -27.75
CA LEU A 283 18.30 13.71 -26.66
C LEU A 283 16.80 13.92 -26.51
N LYS A 284 15.97 13.04 -27.07
CA LYS A 284 14.53 13.24 -27.05
C LYS A 284 13.84 11.90 -26.82
N PHE A 285 12.56 11.96 -26.47
CA PHE A 285 11.78 10.75 -26.22
C PHE A 285 11.32 10.10 -27.52
N PRO A 286 11.14 8.77 -27.52
CA PRO A 286 10.69 8.08 -28.72
C PRO A 286 9.22 8.33 -28.99
N ASP A 287 8.84 8.23 -30.27
CA ASP A 287 7.43 8.20 -30.64
C ASP A 287 7.20 7.26 -31.82
N ALA A 288 6.06 6.58 -31.79
CA ALA A 288 5.80 5.42 -32.63
C ALA A 288 5.58 5.78 -34.09
N GLU A 289 5.25 7.03 -34.39
CA GLU A 289 5.18 7.47 -35.78
C GLU A 289 6.54 7.63 -36.43
N THR A 290 7.59 7.87 -35.63
CA THR A 290 8.93 8.10 -36.18
C THR A 290 9.85 6.91 -36.07
N ASP A 291 9.82 6.17 -34.96
CA ASP A 291 10.96 5.38 -34.51
C ASP A 291 10.69 3.89 -34.72
N GLN A 292 11.69 3.20 -35.30
CA GLN A 292 11.62 1.76 -35.51
C GLN A 292 12.03 1.00 -34.25
N ILE A 293 11.52 -0.22 -34.12
CA ILE A 293 12.00 -1.17 -33.12
C ILE A 293 13.31 -1.79 -33.58
N MET A 294 14.27 -1.90 -32.65
CA MET A 294 15.57 -2.51 -32.91
C MET A 294 15.64 -3.98 -32.52
N MET A 295 15.14 -4.32 -31.33
CA MET A 295 15.26 -5.69 -30.84
C MET A 295 14.10 -6.01 -29.91
N ILE A 296 13.76 -7.30 -29.84
CA ILE A 296 12.78 -7.77 -28.87
C ILE A 296 13.29 -9.08 -28.26
N SER A 297 13.16 -9.22 -26.95
CA SER A 297 13.75 -10.35 -26.26
C SER A 297 12.82 -10.84 -25.15
N TYR A 298 12.80 -12.15 -24.94
CA TYR A 298 11.80 -12.72 -24.06
C TYR A 298 12.33 -14.04 -23.50
N MET A 299 11.73 -14.46 -22.38
CA MET A 299 11.91 -15.80 -21.86
C MET A 299 10.57 -16.54 -21.78
N ILE A 300 10.62 -17.84 -22.06
CA ILE A 300 9.49 -18.75 -21.88
C ILE A 300 9.96 -19.91 -21.02
N ASP A 301 9.38 -20.04 -19.82
CA ASP A 301 9.68 -21.13 -18.90
C ASP A 301 11.19 -21.37 -18.73
N GLY A 302 11.97 -20.30 -18.73
CA GLY A 302 13.40 -20.41 -18.50
C GLY A 302 14.26 -20.68 -19.71
N GLN A 303 13.70 -20.70 -20.91
CA GLN A 303 14.48 -20.64 -22.14
C GLN A 303 14.32 -19.26 -22.74
N GLY A 304 15.43 -18.63 -23.14
CA GLY A 304 15.39 -17.28 -23.68
C GLY A 304 15.54 -17.20 -25.19
N TYR A 305 14.98 -16.14 -25.75
CA TYR A 305 15.09 -15.88 -27.18
C TYR A 305 15.25 -14.38 -27.42
N LEU A 306 15.91 -14.07 -28.53
CA LEU A 306 16.18 -12.71 -28.96
C LEU A 306 15.87 -12.62 -30.45
N ILE A 307 15.23 -11.52 -30.86
CA ILE A 307 15.02 -11.20 -32.27
C ILE A 307 15.63 -9.83 -32.53
N THR A 308 16.36 -9.72 -33.64
CA THR A 308 17.15 -8.53 -33.94
C THR A 308 16.88 -8.05 -35.36
N ASN A 309 16.77 -6.73 -35.51
CA ASN A 309 16.49 -6.11 -36.81
C ASN A 309 17.80 -5.84 -37.53
N ARG A 310 18.04 -6.56 -38.63
CA ARG A 310 19.29 -6.45 -39.38
C ARG A 310 19.32 -5.26 -40.34
N GLU A 311 18.33 -4.38 -40.32
CA GLU A 311 18.50 -3.07 -40.94
C GLU A 311 19.50 -2.25 -40.15
N ILE A 312 19.19 -2.00 -38.88
CA ILE A 312 20.01 -1.13 -38.04
C ILE A 312 21.28 -1.85 -37.62
N VAL A 313 21.14 -3.04 -37.03
CA VAL A 313 22.27 -3.70 -36.38
C VAL A 313 23.20 -4.26 -37.46
N SER A 314 24.45 -3.80 -37.43
CA SER A 314 25.37 -3.95 -38.55
C SER A 314 25.93 -5.36 -38.71
N GLU A 315 25.69 -6.28 -37.76
CA GLU A 315 26.11 -7.65 -37.93
C GLU A 315 25.09 -8.62 -37.33
N ASP A 316 25.17 -9.86 -37.79
CA ASP A 316 24.47 -10.96 -37.14
C ASP A 316 25.00 -11.17 -35.72
N ILE A 317 24.10 -11.63 -34.84
CA ILE A 317 24.45 -11.94 -33.46
C ILE A 317 24.43 -13.46 -33.29
N GLU A 318 25.54 -14.00 -32.80
CA GLU A 318 25.62 -15.40 -32.44
C GLU A 318 24.78 -15.69 -31.19
N ASP A 319 24.57 -16.98 -30.93
CA ASP A 319 23.95 -17.40 -29.68
C ASP A 319 24.99 -17.43 -28.57
N PHE A 320 24.51 -17.20 -27.35
CA PHE A 320 25.39 -16.98 -26.20
C PHE A 320 24.59 -17.24 -24.93
N GLU A 321 25.31 -17.33 -23.81
CA GLU A 321 24.71 -17.53 -22.50
C GLU A 321 24.95 -16.30 -21.64
N PHE A 322 23.92 -15.90 -20.90
CA PHE A 322 24.01 -14.84 -19.89
C PHE A 322 23.46 -15.38 -18.59
N THR A 323 24.30 -15.40 -17.55
CA THR A 323 23.98 -16.11 -16.30
C THR A 323 24.49 -15.30 -15.11
N PRO A 324 23.63 -14.49 -14.49
CA PRO A 324 24.11 -13.67 -13.37
C PRO A 324 24.63 -14.50 -12.21
N LYS A 325 23.89 -15.54 -11.85
CA LYS A 325 24.25 -16.47 -10.79
C LYS A 325 23.71 -17.84 -11.16
N PRO A 326 24.25 -18.91 -10.60
CA PRO A 326 23.70 -20.25 -10.86
C PRO A 326 22.20 -20.38 -10.59
N GLU A 327 21.65 -19.49 -9.76
CA GLU A 327 20.21 -19.48 -9.56
C GLU A 327 19.44 -19.10 -10.82
N TYR A 328 20.09 -18.46 -11.80
CA TYR A 328 19.40 -17.88 -12.95
C TYR A 328 20.15 -18.22 -14.23
N GLU A 329 19.74 -19.29 -14.91
CA GLU A 329 20.58 -19.87 -15.96
C GLU A 329 20.60 -18.98 -17.20
N GLY A 330 19.43 -18.57 -17.69
CA GLY A 330 19.33 -17.57 -18.73
C GLY A 330 20.02 -17.87 -20.06
N PRO A 331 19.80 -19.05 -20.64
CA PRO A 331 20.29 -19.29 -22.00
C PRO A 331 19.41 -18.58 -23.03
N PHE A 332 20.05 -18.04 -24.07
CA PHE A 332 19.36 -17.30 -25.12
C PHE A 332 19.71 -17.80 -26.52
N CYS A 333 18.70 -17.83 -27.39
CA CYS A 333 18.85 -18.24 -28.78
C CYS A 333 18.27 -17.14 -29.67
N VAL A 334 18.88 -16.90 -30.83
CA VAL A 334 18.75 -15.62 -31.51
C VAL A 334 18.30 -15.81 -32.95
N PHE A 335 17.34 -14.98 -33.37
CA PHE A 335 16.86 -14.88 -34.74
C PHE A 335 17.17 -13.49 -35.31
N ASN A 336 17.83 -13.46 -36.46
CA ASN A 336 18.13 -12.22 -37.15
C ASN A 336 17.15 -12.06 -38.30
N GLU A 337 16.41 -10.95 -38.31
CA GLU A 337 15.36 -10.73 -39.30
C GLU A 337 15.67 -9.48 -40.12
N PRO A 338 15.26 -9.46 -41.40
CA PRO A 338 15.76 -8.40 -42.30
C PRO A 338 15.00 -7.08 -42.17
N ASP A 339 13.80 -7.09 -41.59
CA ASP A 339 12.92 -5.93 -41.58
C ASP A 339 12.28 -5.81 -40.21
N GLU A 340 11.79 -4.61 -39.90
CA GLU A 340 10.85 -4.47 -38.79
C GLU A 340 9.62 -5.34 -38.96
N ALA A 341 9.07 -5.40 -40.18
CA ALA A 341 7.85 -6.17 -40.41
C ALA A 341 8.05 -7.66 -40.20
N HIS A 342 9.23 -8.19 -40.53
CA HIS A 342 9.51 -9.60 -40.25
C HIS A 342 9.81 -9.84 -38.78
N LEU A 343 10.47 -8.89 -38.12
CA LEU A 343 10.64 -8.98 -36.68
C LEU A 343 9.30 -9.05 -35.96
N ILE A 344 8.34 -8.20 -36.35
CA ILE A 344 7.03 -8.22 -35.71
C ILE A 344 6.21 -9.43 -36.14
N GLN A 345 6.41 -9.96 -37.34
CA GLN A 345 5.75 -11.19 -37.73
C GLN A 345 6.22 -12.39 -36.90
N ARG A 346 7.54 -12.50 -36.70
CA ARG A 346 8.08 -13.65 -35.98
C ARG A 346 7.57 -13.73 -34.55
N TRP A 347 7.43 -12.59 -33.87
CA TRP A 347 6.98 -12.64 -32.48
C TRP A 347 5.55 -13.14 -32.36
N PHE A 348 4.65 -12.66 -33.22
CA PHE A 348 3.28 -13.17 -33.22
C PHE A 348 3.21 -14.63 -33.64
N GLU A 349 4.05 -15.06 -34.59
CA GLU A 349 4.11 -16.48 -34.91
C GLU A 349 4.56 -17.32 -33.72
N HIS A 350 5.61 -16.89 -33.01
CA HIS A 350 6.11 -17.69 -31.91
C HIS A 350 5.19 -17.68 -30.69
N VAL A 351 4.39 -16.62 -30.52
CA VAL A 351 3.36 -16.64 -29.49
C VAL A 351 2.20 -17.55 -29.89
N GLN A 352 1.76 -17.51 -31.15
CA GLN A 352 0.73 -18.43 -31.57
C GLN A 352 1.20 -19.87 -31.53
N GLU A 353 2.50 -20.10 -31.71
CA GLU A 353 3.06 -21.44 -31.56
C GLU A 353 3.05 -21.90 -30.11
N THR A 354 3.64 -21.10 -29.20
CA THR A 354 3.86 -21.57 -27.83
C THR A 354 2.69 -21.30 -26.89
N LYS A 355 1.71 -20.49 -27.29
CA LYS A 355 0.42 -20.41 -26.63
C LYS A 355 0.55 -20.16 -25.12
N PRO A 356 1.26 -19.10 -24.72
CA PRO A 356 1.43 -18.83 -23.29
C PRO A 356 0.12 -18.53 -22.59
N THR A 357 0.12 -18.74 -21.27
CA THR A 357 -1.05 -18.47 -20.44
C THR A 357 -0.88 -17.29 -19.51
N ILE A 358 0.36 -16.83 -19.28
CA ILE A 358 0.64 -15.61 -18.55
C ILE A 358 1.62 -14.81 -19.39
N MET A 359 1.36 -13.51 -19.55
CA MET A 359 2.31 -12.59 -20.18
C MET A 359 2.70 -11.48 -19.22
N VAL A 360 4.00 -11.28 -19.05
CA VAL A 360 4.54 -10.35 -18.07
C VAL A 360 5.55 -9.42 -18.74
N THR A 361 5.53 -8.16 -18.31
CA THR A 361 6.44 -7.14 -18.79
C THR A 361 6.40 -5.98 -17.80
N TYR A 362 7.57 -5.42 -17.50
CA TYR A 362 7.68 -4.37 -16.50
C TYR A 362 7.19 -3.04 -17.07
N ASN A 363 6.09 -2.52 -16.51
CA ASN A 363 5.54 -1.24 -16.95
C ASN A 363 5.18 -1.22 -18.43
N GLY A 364 4.70 -2.35 -18.94
CA GLY A 364 4.42 -2.44 -20.37
C GLY A 364 3.20 -1.65 -20.80
N ASP A 365 2.24 -1.45 -19.90
CA ASP A 365 1.04 -0.69 -20.22
C ASP A 365 1.35 0.76 -20.55
N PHE A 366 2.48 1.28 -20.11
CA PHE A 366 2.87 2.67 -20.37
C PHE A 366 3.57 2.85 -21.71
N PHE A 367 4.50 1.98 -22.06
CA PHE A 367 5.27 2.14 -23.29
C PHE A 367 5.19 0.94 -24.23
N ASP A 368 5.62 -0.24 -23.80
CA ASP A 368 5.90 -1.33 -24.73
C ASP A 368 4.66 -1.76 -25.53
N TRP A 369 3.50 -1.88 -24.86
CA TRP A 369 2.31 -2.32 -25.59
C TRP A 369 1.79 -1.26 -26.53
N PRO A 370 1.55 -0.01 -26.11
CA PRO A 370 1.14 1.02 -27.08
C PRO A 370 2.09 1.15 -28.25
N PHE A 371 3.39 0.98 -28.01
CA PHE A 371 4.37 1.10 -29.09
C PHE A 371 4.26 -0.05 -30.09
N VAL A 372 4.25 -1.29 -29.60
CA VAL A 372 4.18 -2.40 -30.56
C VAL A 372 2.82 -2.48 -31.24
N GLU A 373 1.76 -1.98 -30.59
CA GLU A 373 0.49 -1.81 -31.27
C GLU A 373 0.57 -0.77 -32.38
N ALA A 374 1.13 0.41 -32.09
CA ALA A 374 1.17 1.45 -33.10
C ALA A 374 2.08 1.06 -34.26
N ARG A 375 3.17 0.36 -33.98
CA ARG A 375 4.05 -0.10 -35.06
C ARG A 375 3.46 -1.27 -35.84
N ALA A 376 2.54 -2.04 -35.27
CA ALA A 376 1.89 -3.08 -36.08
C ALA A 376 1.00 -2.47 -37.16
N ALA A 377 0.25 -1.43 -36.81
CA ALA A 377 -0.67 -0.80 -37.76
C ALA A 377 0.02 -0.25 -39.00
N VAL A 378 1.28 0.17 -38.88
CA VAL A 378 2.04 0.63 -40.03
C VAL A 378 2.37 -0.46 -41.04
N HIS A 379 2.20 -1.74 -40.67
CA HIS A 379 2.46 -2.84 -41.60
C HIS A 379 1.21 -3.68 -41.88
N GLY A 380 0.03 -3.15 -41.56
CA GLY A 380 -1.22 -3.80 -41.91
C GLY A 380 -1.59 -4.99 -41.05
N LEU A 381 -0.76 -5.34 -40.07
CA LEU A 381 -1.12 -6.34 -39.08
C LEU A 381 -2.01 -5.71 -38.01
N SER A 382 -2.62 -6.56 -37.19
CA SER A 382 -3.48 -6.07 -36.12
C SER A 382 -3.34 -6.95 -34.90
N MET A 383 -2.85 -6.35 -33.81
CA MET A 383 -2.55 -7.11 -32.60
C MET A 383 -3.80 -7.74 -32.02
N GLN A 384 -4.93 -7.01 -32.06
CA GLN A 384 -6.17 -7.49 -31.47
C GLN A 384 -6.75 -8.69 -32.22
N GLN A 385 -6.36 -8.90 -33.47
CA GLN A 385 -6.75 -10.11 -34.19
C GLN A 385 -5.71 -11.23 -34.06
N GLU A 386 -4.43 -10.90 -34.14
CA GLU A 386 -3.39 -11.93 -34.07
C GLU A 386 -3.22 -12.47 -32.66
N ILE A 387 -2.94 -11.59 -31.69
CA ILE A 387 -2.85 -12.01 -30.30
C ILE A 387 -4.21 -11.98 -29.59
N GLY A 388 -4.93 -10.86 -29.69
CA GLY A 388 -6.22 -10.72 -29.02
C GLY A 388 -6.28 -9.65 -27.94
N PHE A 389 -5.16 -9.03 -27.56
CA PHE A 389 -5.19 -7.99 -26.54
C PHE A 389 -5.83 -6.71 -27.07
N GLN A 390 -6.51 -5.99 -26.17
CA GLN A 390 -7.16 -4.74 -26.50
C GLN A 390 -7.12 -3.83 -25.29
N LYS A 391 -7.12 -2.52 -25.55
CA LYS A 391 -7.04 -1.52 -24.50
C LYS A 391 -8.44 -1.23 -23.94
N ASP A 392 -8.64 -1.53 -22.67
CA ASP A 392 -9.93 -1.31 -22.02
C ASP A 392 -10.17 0.18 -21.80
N SER A 393 -11.39 0.50 -21.36
CA SER A 393 -11.75 1.89 -21.06
C SER A 393 -10.81 2.52 -20.05
N GLN A 394 -10.29 1.74 -19.10
CA GLN A 394 -9.39 2.27 -18.09
C GLN A 394 -7.95 2.34 -18.59
N GLY A 395 -7.72 2.13 -19.88
CA GLY A 395 -6.41 2.34 -20.45
C GLY A 395 -5.42 1.23 -20.18
N GLU A 396 -5.91 0.00 -19.97
CA GLU A 396 -5.06 -1.13 -19.64
C GLU A 396 -5.37 -2.26 -20.59
N TYR A 397 -4.34 -3.01 -20.99
CA TYR A 397 -4.52 -4.10 -21.93
C TYR A 397 -5.08 -5.34 -21.25
N LYS A 398 -6.00 -6.01 -21.94
CA LYS A 398 -6.65 -7.20 -21.42
C LYS A 398 -6.94 -8.14 -22.58
N ALA A 399 -7.06 -9.43 -22.28
CA ALA A 399 -7.42 -10.42 -23.27
C ALA A 399 -8.22 -11.53 -22.57
N PRO A 400 -9.04 -12.27 -23.32
CA PRO A 400 -9.79 -13.36 -22.68
C PRO A 400 -8.91 -14.54 -22.31
N GLN A 401 -8.00 -14.93 -23.19
CA GLN A 401 -7.33 -16.23 -23.11
C GLN A 401 -6.09 -16.25 -22.23
N CYS A 402 -5.50 -15.11 -21.90
CA CYS A 402 -4.37 -15.13 -20.98
C CYS A 402 -4.25 -13.81 -20.23
N ILE A 403 -3.54 -13.87 -19.11
CA ILE A 403 -3.51 -12.81 -18.10
C ILE A 403 -2.25 -11.97 -18.31
N HIS A 404 -2.41 -10.65 -18.27
CA HIS A 404 -1.31 -9.70 -18.36
C HIS A 404 -0.97 -9.23 -16.95
N MET A 405 0.16 -9.71 -16.41
CA MET A 405 0.62 -9.33 -15.08
C MET A 405 1.84 -8.44 -15.14
N ASP A 406 1.72 -7.23 -14.59
CA ASP A 406 2.78 -6.23 -14.59
C ASP A 406 3.36 -6.15 -13.19
N CYS A 407 4.65 -6.49 -13.06
CA CYS A 407 5.33 -6.53 -11.78
C CYS A 407 5.24 -5.21 -11.00
N LEU A 408 5.22 -4.08 -11.71
CA LEU A 408 5.30 -2.78 -11.04
C LEU A 408 4.07 -2.45 -10.22
N ARG A 409 2.93 -3.10 -10.46
CA ARG A 409 1.79 -2.91 -9.57
C ARG A 409 1.98 -3.64 -8.26
N TRP A 410 2.77 -4.71 -8.23
CA TRP A 410 3.20 -5.33 -6.99
C TRP A 410 4.29 -4.50 -6.30
N VAL A 411 5.36 -4.19 -7.03
CA VAL A 411 6.46 -3.39 -6.48
C VAL A 411 5.94 -2.12 -5.81
N LYS A 412 4.96 -1.47 -6.44
CA LYS A 412 4.42 -0.22 -5.90
C LYS A 412 3.45 -0.42 -4.74
N ARG A 413 2.89 -1.61 -4.56
CA ARG A 413 1.84 -1.83 -3.57
C ARG A 413 2.28 -2.68 -2.38
N ASP A 414 3.07 -3.72 -2.59
CA ASP A 414 3.23 -4.79 -1.61
C ASP A 414 4.67 -5.02 -1.19
N SER A 415 5.63 -4.33 -1.79
CA SER A 415 7.04 -4.62 -1.56
C SER A 415 7.62 -3.81 -0.41
N TYR A 416 7.04 -2.65 -0.08
CA TYR A 416 7.60 -1.73 0.91
C TYR A 416 9.00 -1.27 0.52
N LEU A 417 9.26 -1.12 -0.77
CA LEU A 417 10.42 -0.38 -1.23
C LEU A 417 10.15 1.11 -1.22
N PRO A 418 11.17 1.94 -1.02
CA PRO A 418 11.00 3.39 -1.19
C PRO A 418 10.98 3.78 -2.66
N VAL A 419 10.31 4.91 -2.93
CA VAL A 419 10.09 5.31 -4.32
C VAL A 419 11.41 5.48 -5.05
N GLY A 420 12.49 5.79 -4.33
CA GLY A 420 13.80 5.77 -4.94
C GLY A 420 14.16 4.42 -5.54
N SER A 421 13.66 3.34 -4.96
CA SER A 421 13.96 1.99 -5.39
C SER A 421 12.96 1.43 -6.39
N HIS A 422 11.96 2.20 -6.80
CA HIS A 422 10.98 1.72 -7.77
C HIS A 422 11.55 1.55 -9.17
N ASN A 423 12.77 2.01 -9.41
CA ASN A 423 13.42 1.75 -10.70
C ASN A 423 13.78 0.28 -10.82
N LEU A 424 13.51 -0.29 -12.01
CA LEU A 424 13.62 -1.73 -12.19
C LEU A 424 14.94 -2.28 -11.67
N LYS A 425 16.06 -1.71 -12.13
CA LYS A 425 17.36 -2.26 -11.78
C LYS A 425 17.65 -2.13 -10.29
N ALA A 426 17.13 -1.10 -9.63
CA ALA A 426 17.26 -1.00 -8.17
C ALA A 426 16.44 -2.07 -7.45
N ALA A 427 15.22 -2.32 -7.92
CA ALA A 427 14.40 -3.38 -7.34
C ALA A 427 15.06 -4.75 -7.51
N ALA A 428 15.61 -5.01 -8.70
CA ALA A 428 16.38 -6.24 -8.88
C ALA A 428 17.62 -6.27 -7.98
N LYS A 429 18.32 -5.15 -7.85
CA LYS A 429 19.48 -5.08 -6.98
C LYS A 429 19.15 -5.49 -5.54
N ALA A 430 18.07 -4.94 -4.99
CA ALA A 430 17.67 -5.29 -3.63
C ALA A 430 17.06 -6.69 -3.50
N LYS A 431 16.07 -7.03 -4.32
CA LYS A 431 15.39 -8.32 -4.16
C LYS A 431 16.19 -9.52 -4.64
N LEU A 432 17.00 -9.38 -5.68
CA LEU A 432 17.76 -10.50 -6.23
C LEU A 432 19.24 -10.47 -5.93
N GLY A 433 19.78 -9.33 -5.48
CA GLY A 433 21.12 -9.33 -4.94
C GLY A 433 22.24 -9.44 -5.95
N TYR A 434 22.05 -8.87 -7.15
CA TYR A 434 23.13 -8.73 -8.12
C TYR A 434 22.96 -7.42 -8.85
N ASP A 435 24.03 -6.97 -9.50
CA ASP A 435 23.99 -5.75 -10.29
C ASP A 435 23.82 -6.05 -11.78
N PRO A 436 22.74 -5.60 -12.42
CA PRO A 436 22.67 -5.66 -13.88
C PRO A 436 23.59 -4.62 -14.50
N VAL A 437 23.71 -4.69 -15.82
CA VAL A 437 24.55 -3.74 -16.57
C VAL A 437 23.66 -2.67 -17.18
N GLU A 438 24.23 -1.48 -17.38
CA GLU A 438 23.50 -0.34 -17.90
C GLU A 438 24.23 0.27 -19.09
N LEU A 439 23.45 0.85 -20.00
CA LEU A 439 23.95 1.67 -21.10
C LEU A 439 23.34 3.05 -21.03
N ASP A 440 24.13 4.07 -21.33
CA ASP A 440 23.60 5.43 -21.38
C ASP A 440 22.61 5.57 -22.54
N PRO A 441 21.36 5.94 -22.28
CA PRO A 441 20.31 5.83 -23.31
C PRO A 441 20.65 6.46 -24.66
N GLU A 442 21.50 7.48 -24.70
CA GLU A 442 21.87 8.12 -25.95
C GLU A 442 23.00 7.43 -26.69
N ASP A 443 23.72 6.50 -26.07
CA ASP A 443 24.79 5.79 -26.77
C ASP A 443 24.32 4.52 -27.46
N MET A 444 23.09 4.07 -27.17
CA MET A 444 22.57 2.87 -27.81
C MET A 444 22.53 2.99 -29.32
N CYS A 445 22.15 4.17 -29.83
CA CYS A 445 22.03 4.34 -31.28
C CYS A 445 23.37 4.27 -32.00
N ARG A 446 24.45 4.75 -31.39
CA ARG A 446 25.77 4.52 -31.98
C ARG A 446 26.29 3.11 -31.68
N MET A 447 26.04 2.62 -30.47
CA MET A 447 26.44 1.25 -30.11
C MET A 447 25.90 0.22 -31.10
N ALA A 448 24.66 0.41 -31.56
CA ALA A 448 24.07 -0.51 -32.52
C ALA A 448 24.95 -0.72 -33.75
N THR A 449 25.64 0.33 -34.19
CA THR A 449 26.53 0.22 -35.34
C THR A 449 27.96 -0.13 -34.93
N GLU A 450 28.39 0.38 -33.78
CA GLU A 450 29.81 0.35 -33.42
C GLU A 450 30.18 -0.99 -32.79
N GLN A 451 29.30 -1.58 -31.98
CA GLN A 451 29.59 -2.88 -31.38
C GLN A 451 28.32 -3.61 -30.95
N PRO A 452 27.67 -4.33 -31.86
CA PRO A 452 26.30 -4.82 -31.62
C PRO A 452 26.11 -5.66 -30.36
N GLN A 453 27.11 -6.47 -30.00
CA GLN A 453 26.89 -7.51 -29.01
C GLN A 453 26.87 -6.99 -27.58
N THR A 454 27.49 -5.85 -27.29
CA THR A 454 27.31 -5.26 -25.96
C THR A 454 25.90 -4.68 -25.81
N LEU A 455 25.30 -4.23 -26.91
CA LEU A 455 23.90 -3.86 -26.88
C LEU A 455 23.01 -5.10 -26.69
N ALA A 456 23.32 -6.19 -27.37
CA ALA A 456 22.55 -7.42 -27.15
C ALA A 456 22.66 -7.90 -25.70
N THR A 457 23.85 -7.79 -25.12
CA THR A 457 24.07 -8.19 -23.73
C THR A 457 23.31 -7.31 -22.75
N TYR A 458 23.22 -6.00 -23.03
CA TYR A 458 22.32 -5.17 -22.25
C TYR A 458 20.86 -5.59 -22.42
N SER A 459 20.44 -5.81 -23.67
CA SER A 459 19.04 -6.11 -23.94
C SER A 459 18.55 -7.38 -23.24
N VAL A 460 19.40 -8.40 -23.17
CA VAL A 460 19.02 -9.63 -22.47
C VAL A 460 18.78 -9.41 -20.98
N SER A 461 19.63 -8.62 -20.33
CA SER A 461 19.64 -8.56 -18.88
C SER A 461 18.29 -8.21 -18.28
N ASP A 462 17.47 -7.43 -19.01
CA ASP A 462 16.23 -6.96 -18.39
C ASP A 462 15.07 -7.90 -18.65
N ALA A 463 15.16 -8.72 -19.69
CA ALA A 463 14.26 -9.86 -19.81
C ALA A 463 14.52 -10.84 -18.68
N VAL A 464 15.78 -11.23 -18.52
CA VAL A 464 16.12 -12.21 -17.48
C VAL A 464 15.66 -11.73 -16.11
N ALA A 465 16.01 -10.49 -15.75
CA ALA A 465 15.60 -9.95 -14.46
C ALA A 465 14.08 -9.80 -14.32
N THR A 466 13.35 -9.52 -15.40
CA THR A 466 11.91 -9.46 -15.30
C THR A 466 11.31 -10.85 -15.06
N TYR A 467 11.87 -11.87 -15.71
CA TYR A 467 11.33 -13.20 -15.58
C TYR A 467 11.56 -13.76 -14.18
N TYR A 468 12.79 -13.67 -13.68
CA TYR A 468 13.04 -14.21 -12.34
C TYR A 468 12.44 -13.36 -11.22
N LEU A 469 12.35 -12.04 -11.39
CA LEU A 469 11.61 -11.24 -10.42
C LEU A 469 10.14 -11.65 -10.37
N TYR A 470 9.51 -11.86 -11.53
CA TYR A 470 8.11 -12.28 -11.52
C TYR A 470 7.95 -13.66 -10.88
N MET A 471 8.76 -14.63 -11.31
CA MET A 471 8.62 -15.98 -10.82
C MET A 471 8.81 -16.09 -9.31
N LYS A 472 9.89 -15.52 -8.77
CA LYS A 472 10.13 -15.71 -7.34
C LYS A 472 9.14 -14.94 -6.46
N TYR A 473 9.07 -13.62 -6.62
CA TYR A 473 8.27 -12.79 -5.72
C TYR A 473 6.79 -12.67 -6.08
N VAL A 474 6.47 -12.33 -7.33
CA VAL A 474 5.09 -12.04 -7.68
C VAL A 474 4.23 -13.30 -7.76
N HIS A 475 4.72 -14.36 -8.38
CA HIS A 475 3.81 -15.45 -8.76
C HIS A 475 3.16 -16.14 -7.57
N PRO A 476 3.88 -16.57 -6.53
CA PRO A 476 3.19 -17.24 -5.41
C PRO A 476 2.22 -16.36 -4.65
N PHE A 477 2.47 -15.04 -4.60
CA PHE A 477 1.65 -14.17 -3.76
C PHE A 477 0.24 -14.01 -4.31
N ILE A 478 0.10 -13.72 -5.59
CA ILE A 478 -1.23 -13.48 -6.16
C ILE A 478 -2.06 -14.76 -6.19
N PHE A 479 -1.45 -15.88 -6.56
CA PHE A 479 -2.18 -17.14 -6.58
C PHE A 479 -2.44 -17.72 -5.19
N ALA A 480 -1.70 -17.29 -4.15
CA ALA A 480 -2.16 -17.58 -2.80
C ALA A 480 -3.32 -16.67 -2.41
N LEU A 481 -3.20 -15.37 -2.69
CA LEU A 481 -4.19 -14.41 -2.23
C LEU A 481 -5.55 -14.60 -2.91
N CYS A 482 -5.58 -15.17 -4.11
CA CYS A 482 -6.84 -15.50 -4.77
C CYS A 482 -7.60 -16.63 -4.08
N THR A 483 -6.91 -17.50 -3.34
CA THR A 483 -7.60 -18.62 -2.69
C THR A 483 -8.58 -18.18 -1.61
N ILE A 484 -8.54 -16.93 -1.16
CA ILE A 484 -9.41 -16.45 -0.10
C ILE A 484 -10.33 -15.32 -0.54
N ILE A 485 -10.22 -14.84 -1.78
CA ILE A 485 -10.99 -13.68 -2.21
C ILE A 485 -11.71 -14.00 -3.51
N PRO A 486 -12.99 -13.62 -3.67
CA PRO A 486 -13.76 -13.88 -4.90
C PRO A 486 -13.52 -12.86 -6.01
N MET A 487 -12.37 -12.93 -6.66
CA MET A 487 -12.05 -11.95 -7.70
C MET A 487 -11.13 -12.58 -8.73
N GLU A 488 -11.02 -11.90 -9.87
CA GLU A 488 -10.07 -12.30 -10.91
C GLU A 488 -8.64 -11.99 -10.49
N PRO A 489 -7.67 -12.80 -10.92
CA PRO A 489 -6.27 -12.54 -10.52
C PRO A 489 -5.77 -11.14 -10.85
N ASP A 490 -6.04 -10.64 -12.05
CA ASP A 490 -5.60 -9.29 -12.40
C ASP A 490 -6.41 -8.22 -11.69
N GLU A 491 -7.68 -8.47 -11.37
CA GLU A 491 -8.39 -7.54 -10.49
C GLU A 491 -7.76 -7.54 -9.09
N VAL A 492 -7.41 -8.71 -8.58
CA VAL A 492 -6.79 -8.78 -7.26
C VAL A 492 -5.47 -8.04 -7.24
N LEU A 493 -4.73 -8.08 -8.34
CA LEU A 493 -3.48 -7.34 -8.43
C LEU A 493 -3.72 -5.83 -8.52
N ARG A 494 -4.60 -5.41 -9.42
CA ARG A 494 -4.84 -3.98 -9.65
C ARG A 494 -5.69 -3.31 -8.58
N LYS A 495 -6.68 -3.99 -8.03
CA LYS A 495 -7.59 -3.34 -7.09
C LYS A 495 -6.86 -2.89 -5.83
N GLY A 496 -7.39 -1.83 -5.22
CA GLY A 496 -6.89 -1.37 -3.94
C GLY A 496 -7.29 -2.28 -2.79
N SER A 497 -6.47 -2.27 -1.74
CA SER A 497 -6.61 -3.22 -0.65
C SER A 497 -7.94 -3.07 0.08
N GLY A 498 -8.55 -1.89 0.04
CA GLY A 498 -9.89 -1.75 0.60
C GLY A 498 -10.91 -2.55 -0.16
N THR A 499 -10.80 -2.57 -1.49
CA THR A 499 -11.77 -3.35 -2.25
C THR A 499 -11.55 -4.84 -2.03
N LEU A 500 -10.29 -5.27 -1.88
CA LEU A 500 -10.04 -6.64 -1.48
C LEU A 500 -10.63 -6.96 -0.11
N CYS A 501 -10.68 -5.96 0.79
CA CYS A 501 -11.14 -6.20 2.15
C CYS A 501 -12.65 -6.12 2.28
N GLU A 502 -13.34 -5.52 1.31
CA GLU A 502 -14.80 -5.45 1.37
C GLU A 502 -15.46 -6.75 0.91
N ALA A 503 -15.00 -7.29 -0.22
CA ALA A 503 -15.57 -8.53 -0.74
C ALA A 503 -15.51 -9.66 0.29
N LEU A 504 -14.43 -9.72 1.07
CA LEU A 504 -14.34 -10.71 2.14
C LEU A 504 -15.45 -10.55 3.19
N LEU A 505 -15.73 -9.32 3.61
CA LEU A 505 -16.85 -9.13 4.52
C LEU A 505 -18.19 -9.37 3.86
N MET A 506 -18.30 -9.17 2.55
CA MET A 506 -19.53 -9.55 1.87
C MET A 506 -19.75 -11.06 1.88
N VAL A 507 -18.69 -11.82 1.62
CA VAL A 507 -18.73 -13.28 1.75
C VAL A 507 -19.15 -13.70 3.15
N GLN A 508 -18.57 -13.07 4.18
CA GLN A 508 -18.89 -13.46 5.55
C GLN A 508 -20.29 -13.03 5.96
N ALA A 509 -20.76 -11.87 5.49
CA ALA A 509 -22.12 -11.44 5.79
C ALA A 509 -23.17 -12.26 5.07
N PHE A 510 -22.89 -12.75 3.87
CA PHE A 510 -23.88 -13.51 3.11
C PHE A 510 -24.24 -14.81 3.84
N HIS A 511 -23.25 -15.58 4.26
CA HIS A 511 -23.49 -16.86 4.91
C HIS A 511 -24.14 -16.70 6.28
N ALA A 512 -24.00 -15.55 6.93
CA ALA A 512 -24.74 -15.25 8.15
C ALA A 512 -26.14 -14.71 7.87
N ASN A 513 -26.56 -14.69 6.61
CA ASN A 513 -27.88 -14.20 6.20
C ASN A 513 -28.10 -12.72 6.52
N ILE A 514 -27.03 -11.96 6.71
CA ILE A 514 -27.18 -10.50 6.83
C ILE A 514 -27.46 -9.91 5.45
N ILE A 515 -28.13 -8.76 5.43
CA ILE A 515 -28.37 -8.03 4.20
C ILE A 515 -27.40 -6.85 4.12
N PHE A 516 -26.75 -6.71 2.97
CA PHE A 516 -25.67 -5.73 2.84
C PHE A 516 -26.22 -4.31 2.96
N PRO A 517 -25.61 -3.45 3.78
CA PRO A 517 -26.00 -2.04 3.76
C PRO A 517 -25.47 -1.32 2.51
N ASN A 518 -26.17 -0.24 2.15
CA ASN A 518 -25.80 0.56 0.99
C ASN A 518 -24.53 1.37 1.24
N LYS A 519 -23.85 1.71 0.14
CA LYS A 519 -22.66 2.55 0.22
C LYS A 519 -22.96 3.87 0.92
N GLN A 520 -21.93 4.39 1.60
CA GLN A 520 -22.08 5.61 2.39
C GLN A 520 -22.27 6.84 1.49
N GLU A 521 -23.28 7.65 1.82
CA GLU A 521 -23.54 8.90 1.14
C GLU A 521 -22.58 9.99 1.64
N GLN A 522 -21.82 10.59 0.73
CA GLN A 522 -20.96 11.70 1.09
C GLN A 522 -21.80 12.96 1.34
N GLU A 523 -21.64 13.55 2.52
CA GLU A 523 -22.18 14.87 2.81
C GLU A 523 -21.29 15.97 2.25
N PHE A 524 -21.93 17.03 1.73
CA PHE A 524 -21.25 18.21 1.23
C PHE A 524 -21.55 19.41 2.11
N ASN A 525 -20.49 20.11 2.52
CA ASN A 525 -20.61 21.37 3.27
C ASN A 525 -21.60 21.25 4.43
N LYS A 526 -21.49 20.16 5.18
CA LYS A 526 -22.34 20.01 6.35
C LYS A 526 -21.99 21.04 7.41
N LEU A 527 -22.98 21.35 8.25
CA LEU A 527 -22.83 22.32 9.32
C LEU A 527 -22.23 21.70 10.57
N THR A 528 -21.40 22.47 11.27
CA THR A 528 -21.15 22.21 12.68
C THR A 528 -22.44 22.34 13.47
N ASP A 529 -22.52 21.58 14.56
CA ASP A 529 -23.71 21.58 15.40
C ASP A 529 -23.97 22.92 16.07
N ASP A 530 -23.01 23.85 16.02
CA ASP A 530 -23.27 25.24 16.40
C ASP A 530 -23.41 26.17 15.21
N GLY A 531 -23.57 25.62 14.00
CA GLY A 531 -24.03 26.40 12.87
C GLY A 531 -22.95 26.92 11.95
N HIS A 532 -21.71 26.45 12.09
CA HIS A 532 -20.61 26.87 11.23
C HIS A 532 -20.31 25.79 10.20
N VAL A 533 -20.17 26.21 8.94
CA VAL A 533 -19.85 25.28 7.87
C VAL A 533 -18.49 24.64 8.14
N LEU A 534 -18.41 23.33 7.97
CA LEU A 534 -17.20 22.56 8.21
C LEU A 534 -16.46 22.34 6.89
N ASP A 535 -15.20 22.74 6.85
CA ASP A 535 -14.31 22.28 5.78
C ASP A 535 -13.83 20.85 5.96
N SER A 536 -13.89 20.31 7.18
CA SER A 536 -13.37 18.97 7.42
C SER A 536 -13.94 18.42 8.72
N GLU A 537 -13.88 17.10 8.86
CA GLU A 537 -13.95 16.41 10.14
C GLU A 537 -12.87 15.35 10.18
N THR A 538 -12.41 15.03 11.39
CA THR A 538 -11.22 14.18 11.53
C THR A 538 -11.14 13.75 13.00
N TYR A 539 -10.25 12.79 13.25
CA TYR A 539 -9.86 12.39 14.60
C TYR A 539 -8.34 12.58 14.77
N VAL A 540 -7.94 12.89 16.00
CA VAL A 540 -6.52 13.02 16.32
C VAL A 540 -5.86 11.65 16.31
N GLY A 541 -4.72 11.55 15.63
CA GLY A 541 -4.07 10.28 15.37
C GLY A 541 -3.00 9.86 16.36
N GLY A 542 -1.92 9.28 15.83
CA GLY A 542 -0.84 8.79 16.65
C GLY A 542 -0.03 9.88 17.33
N HIS A 543 0.68 9.47 18.38
CA HIS A 543 1.45 10.36 19.23
C HIS A 543 2.94 10.12 18.99
N VAL A 544 3.73 11.19 18.92
CA VAL A 544 5.16 11.11 18.65
C VAL A 544 5.91 12.07 19.57
N GLU A 545 7.09 11.65 20.02
CA GLU A 545 8.04 12.52 20.71
C GLU A 545 9.46 12.15 20.29
N ALA A 546 10.36 13.15 20.32
CA ALA A 546 11.79 12.96 20.01
C ALA A 546 12.59 13.53 21.18
N LEU A 547 12.76 12.71 22.22
CA LEU A 547 13.11 13.23 23.54
C LEU A 547 14.56 13.70 23.66
N GLU A 548 15.48 13.10 22.91
CA GLU A 548 16.90 13.38 23.13
C GLU A 548 17.68 13.19 21.84
N SER A 549 18.89 13.74 21.83
CA SER A 549 19.69 13.85 20.60
C SER A 549 21.15 13.54 20.88
N GLY A 550 21.89 13.27 19.81
CA GLY A 550 23.30 12.98 19.87
C GLY A 550 23.63 11.51 19.65
N VAL A 551 24.80 11.11 20.16
CA VAL A 551 25.34 9.77 19.99
C VAL A 551 25.26 9.00 21.31
N PHE A 552 24.66 7.83 21.28
CA PHE A 552 24.69 6.88 22.37
C PHE A 552 25.41 5.62 21.93
N ARG A 553 26.45 5.23 22.66
CA ARG A 553 27.21 4.01 22.37
C ARG A 553 27.37 3.21 23.66
N SER A 554 27.16 1.89 23.54
CA SER A 554 27.38 0.98 24.66
C SER A 554 28.86 0.83 25.00
N ASP A 555 29.75 1.40 24.21
CA ASP A 555 31.18 1.39 24.49
C ASP A 555 31.63 2.53 25.40
N ILE A 556 30.80 3.53 25.66
CA ILE A 556 31.23 4.70 26.43
C ILE A 556 30.34 4.93 27.64
N PRO A 557 30.90 5.37 28.77
CA PRO A 557 30.09 5.69 29.95
C PRO A 557 29.06 6.79 29.70
N CYS A 558 28.02 6.78 30.54
CA CYS A 558 26.88 7.68 30.43
C CYS A 558 26.34 7.87 31.84
N ARG A 559 25.71 9.02 32.07
CA ARG A 559 25.28 9.41 33.41
C ARG A 559 23.78 9.20 33.58
N PHE A 560 23.41 8.51 34.66
CA PHE A 560 22.02 8.20 34.97
C PHE A 560 21.67 8.77 36.33
N ARG A 561 20.43 9.26 36.47
CA ARG A 561 19.85 9.61 37.76
C ARG A 561 18.43 9.09 37.82
N MET A 562 18.08 8.46 38.94
CA MET A 562 16.93 7.55 38.98
C MET A 562 16.25 7.67 40.33
N ASN A 563 14.93 7.45 40.34
CA ASN A 563 14.11 7.64 41.53
C ASN A 563 14.12 6.38 42.38
N PRO A 564 14.67 6.40 43.59
CA PRO A 564 14.74 5.16 44.39
C PRO A 564 13.38 4.60 44.78
N ALA A 565 12.34 5.43 44.83
CA ALA A 565 11.00 4.90 45.09
C ALA A 565 10.45 4.10 43.93
N ALA A 566 10.93 4.35 42.71
CA ALA A 566 10.51 3.53 41.58
C ALA A 566 11.13 2.14 41.67
N PHE A 567 12.43 2.07 41.95
CA PHE A 567 13.06 0.77 42.18
C PHE A 567 12.44 0.04 43.36
N ASP A 568 12.05 0.76 44.41
CA ASP A 568 11.35 0.13 45.53
C ASP A 568 9.99 -0.44 45.10
N PHE A 569 9.21 0.34 44.35
CA PHE A 569 7.94 -0.14 43.80
C PHE A 569 8.11 -1.38 42.95
N LEU A 570 9.12 -1.38 42.07
CA LEU A 570 9.38 -2.58 41.26
C LEU A 570 9.76 -3.77 42.14
N LEU A 571 10.69 -3.58 43.07
CA LEU A 571 11.16 -4.68 43.91
C LEU A 571 10.03 -5.28 44.74
N GLN A 572 9.05 -4.46 45.14
CA GLN A 572 7.93 -4.94 45.94
C GLN A 572 6.95 -5.84 45.18
N ARG A 573 7.06 -5.99 43.85
CA ARG A 573 6.08 -6.78 43.11
C ARG A 573 6.70 -7.76 42.11
N VAL A 574 7.98 -8.13 42.29
CA VAL A 574 8.68 -8.94 41.29
C VAL A 574 7.91 -10.23 40.98
N GLU A 575 7.47 -10.94 42.03
CA GLU A 575 6.94 -12.28 41.83
C GLU A 575 5.66 -12.26 41.01
N LYS A 576 4.81 -11.24 41.20
CA LYS A 576 3.63 -11.10 40.36
C LYS A 576 4.02 -11.06 38.89
N THR A 577 4.99 -10.22 38.56
CA THR A 577 5.36 -10.02 37.16
C THR A 577 5.93 -11.29 36.56
N LEU A 578 6.78 -12.00 37.31
CA LEU A 578 7.34 -13.24 36.78
C LEU A 578 6.27 -14.31 36.61
N ARG A 579 5.38 -14.46 37.60
CA ARG A 579 4.30 -15.45 37.48
C ARG A 579 3.43 -15.15 36.27
N HIS A 580 2.98 -13.91 36.13
CA HIS A 580 2.13 -13.53 35.00
C HIS A 580 2.84 -13.73 33.67
N ALA A 581 4.14 -13.45 33.61
CA ALA A 581 4.88 -13.66 32.37
C ALA A 581 5.02 -15.13 32.00
N LEU A 582 5.23 -16.00 32.97
CA LEU A 582 5.25 -17.45 32.69
C LEU A 582 3.88 -18.04 32.37
N GLU A 583 2.88 -17.79 33.22
CA GLU A 583 1.60 -18.48 33.04
C GLU A 583 0.78 -17.94 31.88
N GLU A 584 0.57 -16.63 31.82
CA GLU A 584 -0.33 -16.06 30.82
C GLU A 584 0.29 -15.89 29.44
N GLU A 585 1.49 -15.31 29.34
CA GLU A 585 2.16 -15.26 28.04
C GLU A 585 2.76 -16.60 27.61
N GLU A 586 3.57 -17.23 28.45
CA GLU A 586 4.19 -18.49 28.03
C GLU A 586 3.22 -19.65 28.01
N LYS A 587 2.20 -19.64 28.87
CA LYS A 587 1.25 -20.75 29.00
C LYS A 587 1.90 -21.97 29.66
N VAL A 588 2.89 -21.76 30.52
CA VAL A 588 3.50 -22.79 31.33
C VAL A 588 3.04 -22.57 32.77
N PRO A 589 2.28 -23.48 33.38
CA PRO A 589 1.90 -23.30 34.78
C PRO A 589 3.11 -23.24 35.70
N VAL A 590 3.06 -22.30 36.65
CA VAL A 590 4.20 -21.97 37.49
C VAL A 590 4.58 -23.08 38.46
N GLU A 591 3.76 -24.13 38.57
CA GLU A 591 4.12 -25.31 39.34
C GLU A 591 5.10 -26.21 38.61
N GLN A 592 5.24 -26.06 37.30
CA GLN A 592 6.10 -26.92 36.50
C GLN A 592 7.55 -26.42 36.46
N VAL A 593 7.86 -25.31 37.13
CA VAL A 593 9.20 -24.74 37.14
C VAL A 593 9.78 -24.89 38.54
N THR A 594 11.03 -25.39 38.61
CA THR A 594 11.68 -25.72 39.87
C THR A 594 12.56 -24.59 40.42
N ASN A 595 13.35 -23.94 39.56
CA ASN A 595 14.39 -23.01 39.99
C ASN A 595 13.87 -21.59 40.23
N PHE A 596 12.55 -21.45 40.38
CA PHE A 596 11.92 -20.13 40.36
C PHE A 596 12.50 -19.20 41.43
N GLU A 597 12.66 -19.70 42.65
CA GLU A 597 13.07 -18.84 43.75
C GLU A 597 14.51 -18.36 43.63
N GLU A 598 15.39 -19.12 42.99
CA GLU A 598 16.74 -18.60 42.77
C GLU A 598 16.74 -17.43 41.81
N VAL A 599 15.92 -17.49 40.77
CA VAL A 599 15.82 -16.39 39.83
C VAL A 599 15.23 -15.16 40.49
N CYS A 600 14.17 -15.34 41.30
CA CYS A 600 13.63 -14.20 42.03
C CYS A 600 14.62 -13.64 43.05
N ASP A 601 15.46 -14.48 43.65
CA ASP A 601 16.52 -13.98 44.51
C ASP A 601 17.53 -13.12 43.76
N GLU A 602 17.90 -13.55 42.55
CA GLU A 602 18.81 -12.75 41.73
C GLU A 602 18.19 -11.43 41.30
N ILE A 603 16.93 -11.45 40.90
CA ILE A 603 16.26 -10.21 40.45
C ILE A 603 16.07 -9.26 41.62
N LYS A 604 15.69 -9.77 42.79
CA LYS A 604 15.53 -8.91 43.96
C LYS A 604 16.87 -8.33 44.40
N SER A 605 17.93 -9.12 44.42
CA SER A 605 19.22 -8.59 44.86
C SER A 605 19.77 -7.55 43.88
N LYS A 606 19.56 -7.73 42.57
CA LYS A 606 19.89 -6.69 41.60
C LYS A 606 19.09 -5.41 41.81
N LEU A 607 17.77 -5.53 41.97
CA LEU A 607 16.99 -4.31 42.24
C LEU A 607 17.41 -3.65 43.55
N ALA A 608 17.72 -4.44 44.57
CA ALA A 608 18.14 -3.86 45.84
C ALA A 608 19.46 -3.11 45.69
N SER A 609 20.40 -3.68 44.93
CA SER A 609 21.65 -2.98 44.62
C SER A 609 21.40 -1.67 43.88
N LEU A 610 20.43 -1.65 42.97
CA LEU A 610 20.10 -0.40 42.29
C LEU A 610 19.47 0.62 43.23
N LYS A 611 18.61 0.17 44.15
CA LYS A 611 17.86 1.07 45.00
C LYS A 611 18.73 1.85 45.98
N ASP A 612 19.92 1.35 46.30
CA ASP A 612 20.82 2.05 47.21
C ASP A 612 21.55 3.23 46.57
N VAL A 613 21.87 3.16 45.29
CA VAL A 613 22.71 4.18 44.66
C VAL A 613 22.11 4.59 43.32
N PRO A 614 21.11 5.47 43.31
CA PRO A 614 20.38 5.75 42.05
C PRO A 614 21.18 6.54 41.04
N SER A 615 22.07 7.44 41.47
CA SER A 615 22.75 8.37 40.58
C SER A 615 24.17 7.88 40.35
N ARG A 616 24.52 7.62 39.09
CA ARG A 616 25.69 6.81 38.79
C ARG A 616 26.13 7.09 37.36
N ILE A 617 27.33 6.60 37.03
CA ILE A 617 27.79 6.49 35.64
C ILE A 617 27.89 5.00 35.29
N GLU A 618 27.27 4.62 34.19
CA GLU A 618 27.29 3.25 33.68
C GLU A 618 27.33 3.29 32.16
N CYS A 619 27.84 2.22 31.55
CA CYS A 619 27.58 2.03 30.13
C CYS A 619 26.08 1.82 29.91
N PRO A 620 25.55 2.25 28.76
CA PRO A 620 24.14 2.00 28.47
C PRO A 620 23.87 0.63 27.86
N LEU A 621 22.63 0.18 28.00
CA LEU A 621 22.05 -0.89 27.18
C LEU A 621 20.92 -0.29 26.35
N ILE A 622 20.95 -0.50 25.03
CA ILE A 622 19.98 0.10 24.13
C ILE A 622 18.92 -0.93 23.76
N TYR A 623 17.65 -0.61 24.06
CA TYR A 623 16.54 -1.55 23.85
C TYR A 623 15.43 -0.90 23.05
N HIS A 624 14.82 -1.68 22.16
CA HIS A 624 13.57 -1.34 21.49
C HIS A 624 12.44 -2.20 22.03
N LEU A 625 11.37 -1.56 22.50
CA LEU A 625 10.19 -2.24 23.03
C LEU A 625 8.98 -1.96 22.13
N ASP A 626 8.33 -3.02 21.64
CA ASP A 626 7.40 -2.90 20.53
C ASP A 626 6.17 -3.75 20.81
N VAL A 627 4.98 -3.17 20.61
CA VAL A 627 3.73 -3.93 20.69
C VAL A 627 3.47 -4.65 19.38
N GLY A 628 3.28 -5.96 19.46
CA GLY A 628 2.99 -6.78 18.29
C GLY A 628 1.56 -6.78 17.79
N ALA A 629 1.33 -6.45 16.53
CA ALA A 629 -0.01 -6.31 15.95
C ALA A 629 -0.96 -5.59 16.92
N MET A 630 -0.60 -4.35 17.26
CA MET A 630 -1.33 -3.62 18.27
C MET A 630 -2.81 -3.41 17.91
N TYR A 631 -3.09 -2.84 16.74
CA TYR A 631 -4.45 -2.40 16.44
C TYR A 631 -5.47 -3.54 16.26
N PRO A 632 -5.11 -4.63 15.59
CA PRO A 632 -5.99 -5.80 15.63
C PRO A 632 -6.29 -6.27 17.04
N ASN A 633 -5.29 -6.33 17.92
CA ASN A 633 -5.52 -6.81 19.27
C ASN A 633 -6.36 -5.83 20.07
N ILE A 634 -6.23 -4.53 19.80
CA ILE A 634 -7.10 -3.53 20.42
C ILE A 634 -8.54 -3.69 19.96
N ILE A 635 -8.75 -4.14 18.72
CA ILE A 635 -10.11 -4.38 18.26
C ILE A 635 -10.66 -5.64 18.90
N LEU A 636 -9.91 -6.73 18.85
CA LEU A 636 -10.34 -8.01 19.43
C LEU A 636 -10.62 -7.91 20.93
N THR A 637 -9.86 -7.07 21.66
CA THR A 637 -10.03 -6.97 23.10
C THR A 637 -11.31 -6.22 23.48
N ASN A 638 -11.65 -5.17 22.74
CA ASN A 638 -12.79 -4.33 23.08
C ASN A 638 -14.07 -4.68 22.32
N ARG A 639 -14.01 -5.61 21.37
CA ARG A 639 -15.20 -6.01 20.61
C ARG A 639 -15.77 -4.84 19.80
N LEU A 640 -14.88 -4.01 19.26
CA LEU A 640 -15.29 -2.91 18.42
C LEU A 640 -15.84 -3.42 17.09
N GLN A 641 -17.02 -2.95 16.70
CA GLN A 641 -17.60 -3.33 15.42
C GLN A 641 -18.34 -2.16 14.79
N PRO A 642 -18.20 -1.96 13.48
CA PRO A 642 -18.84 -0.79 12.84
C PRO A 642 -20.32 -0.64 13.12
N SER A 643 -21.03 -1.75 13.33
CA SER A 643 -22.45 -1.72 13.67
C SER A 643 -22.72 -1.64 15.16
N ALA A 644 -21.74 -1.94 16.01
CA ALA A 644 -22.02 -2.11 17.44
C ALA A 644 -22.16 -0.78 18.17
N MET A 645 -21.71 0.33 17.59
CA MET A 645 -21.91 1.63 18.22
C MET A 645 -23.38 2.00 18.21
N VAL A 646 -23.89 2.43 19.36
CA VAL A 646 -25.32 2.67 19.55
C VAL A 646 -25.52 4.01 20.24
N ASP A 647 -26.74 4.53 20.12
CA ASP A 647 -27.14 5.80 20.71
C ASP A 647 -28.06 5.56 21.89
N GLU A 648 -28.53 6.65 22.49
CA GLU A 648 -29.56 6.56 23.53
C GLU A 648 -30.87 6.01 22.97
N ALA A 649 -31.24 6.42 21.76
CA ALA A 649 -32.56 6.11 21.24
C ALA A 649 -32.79 4.61 21.05
N THR A 650 -31.77 3.88 20.60
CA THR A 650 -31.95 2.44 20.43
C THR A 650 -31.93 1.69 21.76
N CYS A 651 -31.04 2.06 22.68
CA CYS A 651 -31.04 1.43 24.00
C CYS A 651 -32.37 1.68 24.72
N ALA A 652 -32.97 2.86 24.52
CA ALA A 652 -34.25 3.15 25.14
C ALA A 652 -35.35 2.22 24.64
N ALA A 653 -35.17 1.62 23.46
CA ALA A 653 -36.14 0.70 22.88
C ALA A 653 -35.82 -0.75 23.16
N CYS A 654 -34.54 -1.08 23.37
CA CYS A 654 -34.12 -2.46 23.51
C CYS A 654 -34.63 -3.05 24.82
N ASP A 655 -35.27 -4.22 24.71
CA ASP A 655 -35.90 -4.85 25.88
C ASP A 655 -34.88 -5.26 26.93
N PHE A 656 -33.63 -5.50 26.53
CA PHE A 656 -32.58 -5.80 27.50
C PHE A 656 -32.15 -4.58 28.31
N ASN A 657 -32.64 -3.39 27.98
CA ASN A 657 -32.27 -2.17 28.70
C ASN A 657 -33.02 -2.11 30.03
N LYS A 658 -32.59 -2.97 30.95
CA LYS A 658 -33.19 -3.08 32.27
C LYS A 658 -32.17 -2.68 33.34
N PRO A 659 -32.64 -2.16 34.47
CA PRO A 659 -31.73 -1.92 35.60
C PRO A 659 -30.90 -3.15 35.93
N GLY A 660 -29.60 -2.94 36.12
CA GLY A 660 -28.69 -4.03 36.38
C GLY A 660 -28.09 -4.68 35.15
N ALA A 661 -28.47 -4.24 33.96
CA ALA A 661 -27.80 -4.72 32.75
C ALA A 661 -26.40 -4.13 32.64
N ASN A 662 -25.50 -4.93 32.05
CA ASN A 662 -24.07 -4.65 32.06
C ASN A 662 -23.50 -4.48 30.66
N CYS A 663 -24.36 -4.31 29.65
CA CYS A 663 -23.95 -4.41 28.25
C CYS A 663 -23.37 -3.11 27.68
N GLN A 664 -23.53 -1.97 28.34
CA GLN A 664 -23.11 -0.69 27.78
C GLN A 664 -21.68 -0.38 28.22
N ARG A 665 -20.75 -0.39 27.25
CA ARG A 665 -19.36 -0.02 27.46
C ARG A 665 -19.13 1.34 26.81
N LYS A 666 -18.60 2.30 27.55
CA LYS A 666 -18.38 3.65 27.04
C LYS A 666 -16.90 3.95 26.89
N MET A 667 -16.51 4.50 25.74
CA MET A 667 -15.12 4.84 25.47
C MET A 667 -15.04 6.22 24.82
N ALA A 668 -13.88 6.85 24.94
CA ALA A 668 -13.70 8.25 24.56
C ALA A 668 -12.85 8.40 23.31
N TRP A 669 -13.08 9.48 22.58
CA TRP A 669 -12.27 9.81 21.40
C TRP A 669 -12.29 11.33 21.19
N GLN A 670 -11.33 11.80 20.37
CA GLN A 670 -11.14 13.23 20.11
C GLN A 670 -11.51 13.61 18.67
N TRP A 671 -12.55 14.42 18.53
CA TRP A 671 -13.02 14.97 17.26
C TRP A 671 -12.30 16.29 16.98
N ARG A 672 -12.07 16.59 15.70
CA ARG A 672 -11.42 17.86 15.33
C ARG A 672 -12.00 18.42 14.02
N GLY A 673 -13.04 19.24 14.14
CA GLY A 673 -13.53 19.97 12.99
C GLY A 673 -12.73 21.22 12.67
N GLU A 674 -12.87 21.69 11.43
CA GLU A 674 -12.38 23.00 11.00
C GLU A 674 -13.53 23.73 10.33
N PHE A 675 -13.87 24.93 10.81
CA PHE A 675 -15.09 25.57 10.35
C PHE A 675 -14.87 27.07 10.11
N MET A 676 -15.74 27.65 9.25
CA MET A 676 -15.65 29.04 8.85
C MET A 676 -16.32 29.98 9.87
N PRO A 677 -15.83 31.22 9.97
CA PRO A 677 -16.36 32.13 11.00
C PRO A 677 -17.77 32.64 10.74
N ALA A 678 -18.21 32.70 9.48
CA ALA A 678 -19.54 33.20 9.17
C ALA A 678 -20.63 32.42 9.90
N SER A 679 -21.67 33.15 10.29
CA SER A 679 -22.83 32.60 10.99
C SER A 679 -23.79 31.90 10.02
N ARG A 680 -24.71 31.15 10.60
CA ARG A 680 -25.75 30.45 9.84
C ARG A 680 -26.56 31.40 8.97
N SER A 681 -27.02 32.52 9.54
CA SER A 681 -27.83 33.47 8.78
C SER A 681 -27.03 34.16 7.67
N GLU A 682 -25.74 34.41 7.89
CA GLU A 682 -24.90 34.96 6.84
C GLU A 682 -24.75 33.98 5.68
N TYR A 683 -24.50 32.71 5.98
CA TYR A 683 -24.50 31.67 4.95
C TYR A 683 -25.84 31.59 4.22
N HIS A 684 -26.94 31.62 4.95
CA HIS A 684 -28.26 31.55 4.32
C HIS A 684 -28.56 32.77 3.44
N ARG A 685 -28.07 33.94 3.82
CA ARG A 685 -28.16 35.11 2.93
C ARG A 685 -27.28 34.99 1.70
N ILE A 686 -26.09 34.40 1.84
CA ILE A 686 -25.28 34.08 0.67
C ILE A 686 -26.00 33.10 -0.25
N GLN A 687 -26.67 32.10 0.33
CA GLN A 687 -27.49 31.20 -0.48
C GLN A 687 -28.63 31.93 -1.17
N HIS A 688 -29.31 32.83 -0.46
CA HIS A 688 -30.39 33.60 -1.07
C HIS A 688 -29.89 34.44 -2.23
N GLN A 689 -28.68 34.98 -2.12
CA GLN A 689 -28.07 35.70 -3.23
C GLN A 689 -27.82 34.80 -4.43
N LEU A 690 -27.82 33.48 -4.25
CA LEU A 690 -27.78 32.54 -5.37
C LEU A 690 -29.15 32.28 -5.98
N GLU A 691 -30.22 32.56 -5.25
CA GLU A 691 -31.57 32.26 -5.73
C GLU A 691 -31.91 33.05 -6.99
N SER A 692 -31.25 34.17 -7.24
CA SER A 692 -31.46 34.96 -8.44
C SER A 692 -30.26 34.98 -9.38
N GLU A 693 -29.18 34.28 -9.03
CA GLU A 693 -27.95 34.35 -9.80
C GLU A 693 -28.09 33.58 -11.11
N LYS A 694 -27.22 33.92 -12.06
CA LYS A 694 -27.11 33.23 -13.34
C LYS A 694 -25.69 32.70 -13.51
N PHE A 695 -25.57 31.56 -14.17
CA PHE A 695 -24.38 30.74 -14.14
C PHE A 695 -24.00 30.33 -15.56
N PRO A 696 -22.72 30.02 -15.78
CA PRO A 696 -22.27 29.63 -17.12
C PRO A 696 -22.79 28.27 -17.54
N PRO A 697 -22.79 27.97 -18.83
CA PRO A 697 -23.26 26.67 -19.32
C PRO A 697 -22.24 25.56 -19.09
N LEU A 698 -22.71 24.33 -19.29
CA LEU A 698 -21.84 23.16 -19.26
C LEU A 698 -20.87 23.14 -20.43
N PHE A 699 -21.20 23.83 -21.53
CA PHE A 699 -20.28 23.96 -22.66
C PHE A 699 -20.60 25.26 -23.38
N PRO A 700 -19.62 25.85 -24.06
CA PRO A 700 -19.82 27.22 -24.57
C PRO A 700 -21.02 27.38 -25.48
N GLU A 701 -21.46 26.33 -26.16
CA GLU A 701 -22.65 26.42 -27.00
C GLU A 701 -23.94 26.36 -26.19
N GLY A 702 -23.89 25.84 -24.97
CA GLY A 702 -25.08 25.71 -24.15
C GLY A 702 -25.60 27.04 -23.64
N PRO A 703 -26.88 27.07 -23.28
CA PRO A 703 -27.45 28.31 -22.71
C PRO A 703 -26.96 28.53 -21.28
N ALA A 704 -26.96 29.79 -20.88
CA ALA A 704 -26.60 30.12 -19.50
C ALA A 704 -27.58 29.44 -18.54
N ARG A 705 -27.01 28.82 -17.51
CA ARG A 705 -27.78 27.99 -16.59
C ARG A 705 -28.41 28.84 -15.48
N ALA A 706 -29.55 28.38 -14.99
CA ALA A 706 -30.09 28.81 -13.71
C ALA A 706 -29.59 27.92 -12.57
N PHE A 707 -29.85 28.38 -11.34
CA PHE A 707 -29.24 27.79 -10.15
C PHE A 707 -29.59 26.32 -9.99
N HIS A 708 -30.79 25.91 -10.39
CA HIS A 708 -31.16 24.50 -10.28
C HIS A 708 -30.53 23.63 -11.37
N GLU A 709 -29.91 24.22 -12.39
CA GLU A 709 -29.23 23.46 -13.42
C GLU A 709 -27.76 23.21 -13.10
N LEU A 710 -27.25 23.79 -12.02
CA LEU A 710 -25.99 23.32 -11.45
C LEU A 710 -26.15 21.94 -10.83
N SER A 711 -25.13 21.10 -10.98
CA SER A 711 -25.02 19.90 -10.15
C SER A 711 -24.75 20.27 -8.70
N ARG A 712 -25.05 19.33 -7.80
CA ARG A 712 -24.88 19.58 -6.38
C ARG A 712 -23.43 19.86 -6.01
N GLU A 713 -22.49 19.27 -6.75
CA GLU A 713 -21.08 19.58 -6.57
C GLU A 713 -20.76 21.00 -7.03
N GLU A 714 -21.35 21.44 -8.14
CA GLU A 714 -21.20 22.83 -8.56
C GLU A 714 -21.85 23.80 -7.58
N GLN A 715 -23.07 23.50 -7.13
CA GLN A 715 -23.69 24.33 -6.11
C GLN A 715 -22.82 24.42 -4.86
N ALA A 716 -22.27 23.29 -4.42
CA ALA A 716 -21.38 23.27 -3.26
C ALA A 716 -20.14 24.12 -3.47
N LYS A 717 -19.48 23.99 -4.62
CA LYS A 717 -18.27 24.77 -4.85
C LYS A 717 -18.55 26.26 -5.05
N TYR A 718 -19.69 26.61 -5.66
CA TYR A 718 -20.06 28.02 -5.75
C TYR A 718 -20.38 28.62 -4.38
N GLU A 719 -21.06 27.86 -3.52
CA GLU A 719 -21.26 28.31 -2.15
C GLU A 719 -19.94 28.43 -1.39
N LYS A 720 -19.01 27.50 -1.61
CA LYS A 720 -17.69 27.66 -1.00
C LYS A 720 -16.98 28.91 -1.51
N ARG A 721 -17.07 29.18 -2.81
CA ARG A 721 -16.43 30.35 -3.40
C ARG A 721 -16.94 31.64 -2.77
N ARG A 722 -18.27 31.79 -2.74
CA ARG A 722 -18.83 32.99 -2.12
C ARG A 722 -18.52 33.06 -0.63
N LEU A 723 -18.73 31.98 0.10
CA LEU A 723 -18.63 32.06 1.55
C LEU A 723 -17.19 32.28 1.98
N ALA A 724 -16.24 31.64 1.30
CA ALA A 724 -14.83 31.89 1.58
C ALA A 724 -14.44 33.33 1.26
N ASP A 725 -14.87 33.87 0.13
CA ASP A 725 -14.45 35.23 -0.23
C ASP A 725 -15.04 36.25 0.74
N TYR A 726 -16.35 36.15 1.00
CA TYR A 726 -16.99 37.01 1.98
C TYR A 726 -16.34 36.90 3.36
N CYS A 727 -16.07 35.67 3.83
CA CYS A 727 -15.39 35.55 5.13
C CYS A 727 -13.99 36.17 5.09
N ARG A 728 -13.24 35.93 4.02
CA ARG A 728 -11.91 36.50 3.87
C ARG A 728 -11.90 38.00 4.08
N LYS A 729 -12.82 38.71 3.44
CA LYS A 729 -12.91 40.16 3.66
C LYS A 729 -13.53 40.50 5.01
N ALA A 730 -14.67 39.90 5.35
CA ALA A 730 -15.44 40.30 6.52
C ALA A 730 -14.86 39.83 7.84
N TYR A 731 -14.00 38.82 7.86
CA TYR A 731 -13.43 38.32 9.11
C TYR A 731 -11.93 38.13 8.99
N LYS A 732 -11.27 38.20 10.14
CA LYS A 732 -9.82 38.34 10.18
C LYS A 732 -9.11 37.11 9.62
N LYS A 733 -9.52 35.91 10.06
CA LYS A 733 -8.87 34.68 9.64
C LYS A 733 -9.90 33.71 9.09
N ILE A 734 -9.44 32.87 8.14
CA ILE A 734 -10.37 32.15 7.27
C ILE A 734 -11.08 31.00 7.98
N HIS A 735 -10.43 30.33 8.93
CA HIS A 735 -11.07 29.21 9.60
C HIS A 735 -10.62 29.10 11.06
N ILE A 736 -11.37 28.27 11.81
CA ILE A 736 -11.15 28.04 13.23
C ILE A 736 -11.24 26.53 13.50
N THR A 737 -10.27 25.99 14.24
CA THR A 737 -10.32 24.62 14.74
C THR A 737 -10.93 24.58 16.14
N LYS A 738 -11.50 23.42 16.50
CA LYS A 738 -12.10 23.26 17.83
C LYS A 738 -12.03 21.79 18.30
N VAL A 739 -10.83 21.35 18.70
CA VAL A 739 -10.64 19.99 19.18
C VAL A 739 -11.57 19.71 20.36
N GLU A 740 -12.30 18.60 20.31
CA GLU A 740 -13.41 18.34 21.22
C GLU A 740 -13.43 16.88 21.64
N GLU A 741 -13.83 16.63 22.89
CA GLU A 741 -13.82 15.30 23.49
C GLU A 741 -15.22 14.71 23.47
N ARG A 742 -15.35 13.45 23.01
CA ARG A 742 -16.64 12.77 22.99
C ARG A 742 -16.52 11.38 23.60
N LEU A 743 -17.68 10.84 24.01
CA LEU A 743 -17.80 9.46 24.47
C LEU A 743 -18.88 8.72 23.67
N THR A 744 -18.61 7.44 23.37
CA THR A 744 -19.49 6.61 22.56
C THR A 744 -19.69 5.25 23.21
N THR A 745 -20.94 4.76 23.15
CA THR A 745 -21.30 3.43 23.64
C THR A 745 -20.99 2.37 22.58
N ILE A 746 -20.51 1.21 23.03
CA ILE A 746 -20.29 0.05 22.18
C ILE A 746 -21.13 -1.12 22.71
N CYS A 747 -22.15 -1.51 21.95
CA CYS A 747 -23.04 -2.60 22.38
C CYS A 747 -22.27 -3.91 22.42
N GLN A 748 -22.15 -4.50 23.60
CA GLN A 748 -21.38 -5.74 23.79
C GLN A 748 -22.08 -7.01 23.30
N ARG A 749 -23.39 -6.96 23.03
CA ARG A 749 -24.14 -8.15 22.62
C ARG A 749 -24.38 -8.27 21.11
N GLU A 750 -23.95 -7.31 20.29
CA GLU A 750 -24.25 -7.38 18.87
C GLU A 750 -23.52 -8.55 18.19
N ASN A 751 -24.03 -8.92 17.01
CA ASN A 751 -23.51 -10.03 16.22
C ASN A 751 -22.02 -9.92 15.91
N SER A 752 -21.31 -11.03 16.11
CA SER A 752 -19.86 -11.10 16.27
C SER A 752 -19.10 -11.40 14.97
N PHE A 753 -19.75 -11.36 13.81
CA PHE A 753 -19.14 -11.89 12.59
C PHE A 753 -17.84 -11.16 12.19
N TYR A 754 -17.77 -9.85 12.44
CA TYR A 754 -16.57 -9.09 12.09
C TYR A 754 -15.39 -9.49 12.98
N VAL A 755 -15.59 -9.50 14.29
CA VAL A 755 -14.48 -9.78 15.20
C VAL A 755 -14.05 -11.24 15.07
N ASP A 756 -14.99 -12.15 14.85
CA ASP A 756 -14.62 -13.54 14.59
C ASP A 756 -13.83 -13.70 13.29
N THR A 757 -14.12 -12.89 12.27
CA THR A 757 -13.29 -12.93 11.07
C THR A 757 -11.86 -12.47 11.37
N VAL A 758 -11.73 -11.36 12.10
CA VAL A 758 -10.40 -10.87 12.45
C VAL A 758 -9.63 -11.92 13.26
N ARG A 759 -10.30 -12.57 14.21
CA ARG A 759 -9.63 -13.57 15.02
C ARG A 759 -9.18 -14.77 14.19
N ALA A 760 -10.03 -15.23 13.27
CA ALA A 760 -9.67 -16.38 12.45
C ALA A 760 -8.43 -16.08 11.61
N PHE A 761 -8.37 -14.89 11.02
CA PHE A 761 -7.18 -14.54 10.23
C PHE A 761 -5.94 -14.41 11.10
N ARG A 762 -6.08 -13.82 12.29
CA ARG A 762 -4.95 -13.74 13.21
C ARG A 762 -4.37 -15.12 13.51
N ASP A 763 -5.24 -16.09 13.83
CA ASP A 763 -4.79 -17.44 14.16
C ASP A 763 -4.13 -18.15 12.98
N ARG A 764 -4.79 -18.10 11.82
CA ARG A 764 -4.21 -18.71 10.62
C ARG A 764 -2.84 -18.15 10.27
N ARG A 765 -2.60 -16.84 10.46
CA ARG A 765 -1.27 -16.32 10.17
C ARG A 765 -0.19 -17.03 10.96
N TYR A 766 -0.40 -17.22 12.27
CA TYR A 766 0.61 -17.88 13.09
C TYR A 766 0.74 -19.37 12.76
N GLU A 767 -0.36 -20.02 12.41
CA GLU A 767 -0.27 -21.41 11.97
C GLU A 767 0.62 -21.53 10.73
N PHE A 768 0.40 -20.68 9.74
CA PHE A 768 1.20 -20.78 8.52
C PHE A 768 2.64 -20.34 8.72
N LYS A 769 2.91 -19.37 9.61
CA LYS A 769 4.29 -19.08 9.96
C LYS A 769 4.99 -20.29 10.58
N GLY A 770 4.30 -21.01 11.47
CA GLY A 770 4.89 -22.19 12.07
C GLY A 770 5.22 -23.26 11.05
N LEU A 771 4.25 -23.58 10.19
CA LEU A 771 4.50 -24.59 9.16
C LEU A 771 5.59 -24.15 8.19
N HIS A 772 5.66 -22.85 7.88
CA HIS A 772 6.72 -22.33 7.04
C HIS A 772 8.11 -22.60 7.63
N LYS A 773 8.29 -22.29 8.92
CA LYS A 773 9.60 -22.54 9.52
C LYS A 773 9.92 -24.03 9.67
N VAL A 774 8.91 -24.86 9.94
CA VAL A 774 9.12 -26.31 9.97
C VAL A 774 9.58 -26.83 8.60
N TRP A 775 8.87 -26.44 7.54
CA TRP A 775 9.22 -26.92 6.21
C TRP A 775 10.53 -26.32 5.70
N LYS A 776 10.89 -25.09 6.09
CA LYS A 776 12.24 -24.61 5.74
C LYS A 776 13.35 -25.42 6.42
N LYS A 777 13.16 -25.81 7.68
CA LYS A 777 14.11 -26.74 8.29
C LYS A 777 14.15 -28.08 7.55
N LYS A 778 12.99 -28.64 7.24
CA LYS A 778 12.95 -29.86 6.45
C LYS A 778 13.62 -29.68 5.09
N LEU A 779 13.50 -28.50 4.47
CA LEU A 779 14.21 -28.21 3.22
C LEU A 779 15.71 -28.27 3.40
N SER A 780 16.22 -27.71 4.50
CA SER A 780 17.65 -27.81 4.78
C SER A 780 18.07 -29.27 4.93
N ALA A 781 17.24 -30.07 5.62
CA ALA A 781 17.55 -31.50 5.74
C ALA A 781 17.51 -32.21 4.40
N ALA A 782 16.52 -31.92 3.56
CA ALA A 782 16.43 -32.50 2.22
C ALA A 782 17.63 -32.12 1.35
N VAL A 783 18.10 -30.87 1.48
CA VAL A 783 19.30 -30.43 0.77
C VAL A 783 20.52 -31.21 1.23
N GLU A 784 20.60 -31.50 2.53
CA GLU A 784 21.68 -32.38 2.98
C GLU A 784 21.49 -33.82 2.50
N VAL A 785 20.25 -34.28 2.38
CA VAL A 785 19.99 -35.59 1.79
C VAL A 785 20.37 -35.63 0.32
N GLY A 786 20.10 -34.54 -0.41
CA GLY A 786 20.62 -34.42 -1.76
C GLY A 786 19.77 -35.05 -2.85
N ASP A 787 18.53 -35.44 -2.56
CA ASP A 787 17.68 -36.12 -3.52
C ASP A 787 16.71 -35.12 -4.14
N ALA A 788 16.80 -34.96 -5.46
CA ALA A 788 16.18 -33.81 -6.12
C ALA A 788 14.66 -33.82 -5.99
N ALA A 789 14.04 -35.00 -6.04
CA ALA A 789 12.58 -35.07 -5.90
C ALA A 789 12.11 -34.62 -4.53
N GLU A 790 12.79 -35.05 -3.47
CA GLU A 790 12.43 -34.61 -2.13
C GLU A 790 12.71 -33.13 -1.94
N VAL A 791 13.81 -32.63 -2.47
CA VAL A 791 14.11 -31.19 -2.38
C VAL A 791 13.04 -30.39 -3.10
N LYS A 792 12.65 -30.81 -4.30
CA LYS A 792 11.62 -30.11 -5.06
C LYS A 792 10.25 -30.11 -4.35
N ARG A 793 9.85 -31.28 -3.82
CA ARG A 793 8.63 -31.35 -3.01
C ARG A 793 8.69 -30.40 -1.81
N CYS A 794 9.80 -30.45 -1.07
CA CYS A 794 9.90 -29.62 0.13
C CYS A 794 9.90 -28.14 -0.22
N LYS A 795 10.60 -27.76 -1.30
CA LYS A 795 10.60 -26.37 -1.75
C LYS A 795 9.21 -25.91 -2.13
N ASN A 796 8.44 -26.78 -2.80
CA ASN A 796 7.06 -26.42 -3.14
C ASN A 796 6.22 -26.17 -1.88
N MET A 797 6.36 -27.05 -0.88
CA MET A 797 5.60 -26.83 0.36
C MET A 797 6.04 -25.57 1.10
N GLU A 798 7.35 -25.30 1.11
CA GLU A 798 7.86 -24.09 1.73
C GLU A 798 7.31 -22.83 1.07
N VAL A 799 7.30 -22.80 -0.27
CA VAL A 799 6.79 -21.64 -0.98
C VAL A 799 5.29 -21.49 -0.78
N LEU A 800 4.57 -22.61 -0.71
CA LEU A 800 3.13 -22.56 -0.45
C LEU A 800 2.81 -21.93 0.91
N TYR A 801 3.50 -22.38 1.96
CA TYR A 801 3.22 -21.81 3.27
C TYR A 801 3.75 -20.39 3.43
N ASP A 802 4.90 -20.07 2.84
CA ASP A 802 5.39 -18.69 2.87
C ASP A 802 4.40 -17.73 2.21
N SER A 803 3.91 -18.07 1.03
CA SER A 803 2.94 -17.22 0.35
C SER A 803 1.60 -17.14 1.08
N LEU A 804 1.13 -18.24 1.65
CA LEU A 804 -0.07 -18.13 2.48
C LEU A 804 0.13 -17.21 3.69
N GLN A 805 1.30 -17.30 4.33
CA GLN A 805 1.57 -16.46 5.48
C GLN A 805 1.59 -14.98 5.11
N LEU A 806 2.21 -14.64 3.98
CA LEU A 806 2.19 -13.25 3.54
C LEU A 806 0.79 -12.78 3.15
N ALA A 807 0.03 -13.62 2.46
CA ALA A 807 -1.33 -13.22 2.12
C ALA A 807 -2.15 -12.91 3.36
N HIS A 808 -2.11 -13.80 4.36
CA HIS A 808 -2.88 -13.58 5.58
C HIS A 808 -2.38 -12.35 6.36
N LYS A 809 -1.08 -12.06 6.34
CA LYS A 809 -0.62 -10.80 6.93
C LYS A 809 -1.20 -9.60 6.19
N CYS A 810 -1.18 -9.63 4.86
CA CYS A 810 -1.71 -8.52 4.07
C CYS A 810 -3.18 -8.25 4.39
N ILE A 811 -3.98 -9.31 4.48
CA ILE A 811 -5.39 -9.10 4.81
C ILE A 811 -5.57 -8.62 6.24
N LEU A 812 -4.78 -9.14 7.18
CA LEU A 812 -4.91 -8.65 8.56
C LEU A 812 -4.63 -7.16 8.63
N ASN A 813 -3.52 -6.72 8.04
CA ASN A 813 -3.19 -5.29 7.95
C ASN A 813 -4.25 -4.46 7.22
N SER A 814 -4.97 -5.05 6.27
CA SER A 814 -6.01 -4.30 5.55
C SER A 814 -7.24 -3.94 6.40
N PHE A 815 -7.60 -4.74 7.40
CA PHE A 815 -8.83 -4.49 8.15
C PHE A 815 -8.92 -3.11 8.82
N TYR A 816 -7.81 -2.54 9.27
CA TYR A 816 -7.88 -1.22 9.90
C TYR A 816 -8.23 -0.12 8.91
N GLY A 817 -7.58 -0.10 7.75
CA GLY A 817 -7.77 1.01 6.81
C GLY A 817 -9.15 1.10 6.19
N TYR A 818 -9.77 -0.05 5.93
CA TYR A 818 -11.05 -0.06 5.22
C TYR A 818 -12.13 0.77 5.90
N VAL A 819 -12.21 0.76 7.22
CA VAL A 819 -13.36 1.33 7.90
C VAL A 819 -13.48 2.85 7.77
N MET A 820 -12.44 3.54 7.32
CA MET A 820 -12.53 4.97 7.03
C MET A 820 -12.72 5.29 5.55
N ARG A 821 -12.65 4.31 4.65
CA ARG A 821 -12.78 4.60 3.23
C ARG A 821 -14.14 5.22 2.92
N LYS A 822 -14.10 6.34 2.19
CA LYS A 822 -15.31 6.97 1.68
C LYS A 822 -16.13 5.99 0.83
N GLY A 823 -17.43 5.91 1.10
CA GLY A 823 -18.31 5.01 0.39
C GLY A 823 -18.39 3.61 0.95
N ALA A 824 -17.53 3.25 1.91
CA ALA A 824 -17.52 1.89 2.43
C ALA A 824 -18.89 1.51 2.97
N ARG A 825 -19.26 0.25 2.76
CA ARG A 825 -20.56 -0.24 3.22
C ARG A 825 -20.65 -0.23 4.74
N TRP A 826 -19.65 -0.81 5.41
CA TRP A 826 -19.53 -0.74 6.86
C TRP A 826 -18.47 0.31 7.20
N TYR A 827 -18.94 1.53 7.47
CA TYR A 827 -18.11 2.69 7.70
C TYR A 827 -18.45 3.30 9.06
N SER A 828 -17.42 3.67 9.82
CA SER A 828 -17.61 4.50 10.99
C SER A 828 -16.32 5.25 11.32
N MET A 829 -16.50 6.44 11.90
CA MET A 829 -15.40 7.29 12.37
C MET A 829 -15.03 7.08 13.83
N GLU A 830 -16.01 6.73 14.67
CA GLU A 830 -15.75 6.51 16.10
C GLU A 830 -14.73 5.42 16.37
N MET A 831 -14.93 4.23 15.81
CA MET A 831 -14.02 3.12 16.08
C MET A 831 -12.58 3.43 15.69
N ALA A 832 -12.38 4.13 14.57
CA ALA A 832 -11.02 4.45 14.16
C ALA A 832 -10.37 5.46 15.12
N GLY A 833 -11.16 6.29 15.77
CA GLY A 833 -10.62 7.22 16.75
C GLY A 833 -10.34 6.59 18.10
N ILE A 834 -11.22 5.70 18.51
CA ILE A 834 -11.02 4.97 19.77
C ILE A 834 -9.81 4.04 19.72
N VAL A 835 -9.49 3.50 18.54
CA VAL A 835 -8.28 2.69 18.45
C VAL A 835 -7.03 3.55 18.65
N CYS A 836 -6.93 4.63 17.89
CA CYS A 836 -5.74 5.47 17.99
C CYS A 836 -5.59 6.06 19.38
N PHE A 837 -6.71 6.48 20.00
CA PHE A 837 -6.64 7.03 21.34
C PHE A 837 -6.17 6.00 22.37
N THR A 838 -6.66 4.76 22.28
CA THR A 838 -6.21 3.76 23.24
C THR A 838 -4.74 3.39 23.03
N GLY A 839 -4.26 3.40 21.78
CA GLY A 839 -2.83 3.23 21.56
C GLY A 839 -1.98 4.37 22.09
N ALA A 840 -2.50 5.60 22.04
CA ALA A 840 -1.76 6.73 22.58
C ALA A 840 -1.72 6.70 24.11
N ASN A 841 -2.82 6.29 24.75
CA ASN A 841 -2.77 6.07 26.19
C ASN A 841 -1.79 4.96 26.59
N ILE A 842 -1.77 3.86 25.85
CA ILE A 842 -0.80 2.80 26.14
C ILE A 842 0.63 3.32 26.05
N ILE A 843 0.96 4.03 24.97
CA ILE A 843 2.35 4.47 24.82
C ILE A 843 2.69 5.64 25.76
N THR A 844 1.69 6.40 26.21
CA THR A 844 1.96 7.44 27.20
C THR A 844 2.28 6.85 28.56
N GLN A 845 1.52 5.85 29.01
CA GLN A 845 1.89 5.19 30.27
C GLN A 845 3.19 4.40 30.16
N ALA A 846 3.51 3.87 28.98
CA ALA A 846 4.83 3.25 28.81
C ALA A 846 5.97 4.27 28.84
N ARG A 847 5.72 5.51 28.45
CA ARG A 847 6.73 6.55 28.64
C ARG A 847 6.85 6.95 30.11
N GLU A 848 5.70 7.17 30.75
CA GLU A 848 5.70 7.58 32.16
C GLU A 848 6.46 6.59 33.04
N LEU A 849 6.28 5.29 32.80
CA LEU A 849 7.03 4.32 33.62
C LEU A 849 8.52 4.41 33.34
N ILE A 850 8.91 4.36 32.06
CA ILE A 850 10.33 4.25 31.71
C ILE A 850 11.12 5.49 32.12
N GLU A 851 10.49 6.67 32.17
CA GLU A 851 11.22 7.87 32.56
C GLU A 851 11.81 7.79 33.97
N GLN A 852 11.30 6.93 34.84
CA GLN A 852 11.79 6.81 36.21
C GLN A 852 12.87 5.73 36.37
N ILE A 853 12.73 4.63 35.62
CA ILE A 853 13.77 3.60 35.57
C ILE A 853 15.00 4.05 34.79
N GLY A 854 14.83 4.90 33.79
CA GLY A 854 15.89 5.14 32.83
C GLY A 854 15.60 6.35 31.96
N ARG A 855 16.05 6.34 30.70
CA ARG A 855 15.88 7.49 29.82
C ARG A 855 15.35 7.06 28.46
N PRO A 856 14.10 7.40 28.13
CA PRO A 856 13.61 7.22 26.76
C PRO A 856 14.27 8.18 25.78
N LEU A 857 14.61 7.65 24.60
CA LEU A 857 15.27 8.42 23.55
C LEU A 857 14.33 8.81 22.42
N GLU A 858 13.36 7.97 22.11
CA GLU A 858 12.60 8.11 20.87
C GLU A 858 11.32 7.29 21.01
N LEU A 859 10.18 7.90 20.67
CA LEU A 859 8.88 7.37 21.02
C LEU A 859 7.97 7.58 19.82
N ASP A 860 7.26 6.52 19.40
CA ASP A 860 6.49 6.57 18.17
C ASP A 860 5.18 5.81 18.37
N THR A 861 4.52 5.55 17.25
CA THR A 861 3.12 5.08 17.26
C THR A 861 2.93 3.87 18.16
N ASP A 862 3.81 2.88 18.07
CA ASP A 862 3.64 1.63 18.81
C ASP A 862 4.86 1.16 19.59
N GLY A 863 5.94 1.94 19.66
CA GLY A 863 7.14 1.41 20.28
C GLY A 863 8.08 2.50 20.73
N ILE A 864 9.03 2.08 21.58
CA ILE A 864 9.91 3.00 22.29
C ILE A 864 11.35 2.51 22.18
N TRP A 865 12.27 3.43 21.93
CA TRP A 865 13.69 3.20 22.08
C TRP A 865 14.15 3.80 23.40
N CYS A 866 14.98 3.07 24.14
CA CYS A 866 15.45 3.58 25.41
C CYS A 866 16.86 3.06 25.69
N VAL A 867 17.49 3.67 26.69
CA VAL A 867 18.68 3.13 27.34
C VAL A 867 18.34 2.74 28.77
N LEU A 868 18.92 1.62 29.22
CA LEU A 868 18.83 1.12 30.57
C LEU A 868 20.21 0.95 31.19
N PRO A 869 20.34 1.08 32.51
CA PRO A 869 21.67 0.97 33.13
C PRO A 869 22.20 -0.45 33.04
N ASN A 870 23.52 -0.54 32.94
CA ASN A 870 24.21 -1.82 32.72
C ASN A 870 23.85 -2.88 33.76
N SER A 871 23.55 -2.46 34.99
CA SER A 871 23.21 -3.36 36.09
C SER A 871 21.75 -3.78 36.12
N PHE A 872 20.96 -3.45 35.10
CA PHE A 872 19.55 -3.84 35.10
C PHE A 872 19.41 -5.35 34.88
N PRO A 873 18.30 -5.94 35.37
CA PRO A 873 18.19 -7.42 35.34
C PRO A 873 18.45 -8.12 34.01
N GLU A 874 17.91 -7.61 32.90
CA GLU A 874 17.99 -8.26 31.58
C GLU A 874 17.29 -9.62 31.60
N ASN A 875 17.93 -10.70 31.16
CA ASN A 875 17.26 -11.95 30.80
C ASN A 875 17.60 -13.10 31.74
N PHE A 876 16.60 -13.96 32.01
CA PHE A 876 16.75 -15.08 32.93
C PHE A 876 16.13 -16.35 32.34
N VAL A 877 16.78 -17.48 32.60
CA VAL A 877 16.36 -18.79 32.07
C VAL A 877 15.84 -19.66 33.22
N PHE A 878 14.58 -20.08 33.10
CA PHE A 878 13.96 -21.01 34.02
C PHE A 878 14.06 -22.44 33.49
N LYS A 879 14.05 -23.40 34.43
CA LYS A 879 14.12 -24.82 34.16
C LYS A 879 12.79 -25.50 34.48
N THR A 880 12.26 -26.26 33.51
CA THR A 880 10.90 -26.76 33.57
C THR A 880 10.88 -28.22 33.17
N THR A 881 9.94 -28.96 33.76
CA THR A 881 9.81 -30.40 33.58
C THR A 881 9.05 -30.79 32.31
N ASN A 882 8.43 -29.84 31.62
CA ASN A 882 7.71 -30.18 30.40
C ASN A 882 8.67 -30.80 29.38
N VAL A 883 8.25 -31.95 28.85
CA VAL A 883 9.11 -32.72 27.93
C VAL A 883 9.38 -31.93 26.66
N LYS A 884 8.37 -31.21 26.16
CA LYS A 884 8.58 -30.38 24.98
C LYS A 884 9.36 -29.10 25.30
N LYS A 885 9.23 -28.59 26.53
CA LYS A 885 9.75 -27.27 26.89
C LYS A 885 10.58 -27.39 28.16
N PRO A 886 11.80 -27.93 28.05
CA PRO A 886 12.62 -28.11 29.26
C PRO A 886 13.19 -26.82 29.81
N LYS A 887 13.25 -25.75 29.01
CA LYS A 887 13.74 -24.47 29.47
C LYS A 887 12.85 -23.37 28.91
N VAL A 888 12.75 -22.27 29.65
CA VAL A 888 12.03 -21.08 29.18
C VAL A 888 12.87 -19.84 29.50
N THR A 889 12.98 -18.93 28.55
CA THR A 889 13.77 -17.72 28.73
C THR A 889 12.85 -16.51 28.72
N ILE A 890 13.01 -15.64 29.71
CA ILE A 890 12.20 -14.44 29.86
C ILE A 890 13.11 -13.22 29.93
N SER A 891 12.58 -12.08 29.47
CA SER A 891 13.22 -10.78 29.61
C SER A 891 12.40 -9.93 30.56
N TYR A 892 13.05 -9.43 31.62
CA TYR A 892 12.34 -8.68 32.65
C TYR A 892 11.72 -7.38 32.14
N PRO A 893 12.37 -6.59 31.27
CA PRO A 893 11.71 -5.42 30.68
C PRO A 893 10.37 -5.69 30.02
N GLY A 894 10.14 -6.89 29.48
CA GLY A 894 8.82 -7.18 28.92
C GLY A 894 7.77 -7.39 29.99
N ALA A 895 8.04 -8.32 30.91
CA ALA A 895 7.09 -8.61 31.99
C ALA A 895 6.80 -7.37 32.84
N MET A 896 7.77 -6.47 32.96
CA MET A 896 7.54 -5.23 33.69
C MET A 896 6.42 -4.39 33.08
N LEU A 897 6.26 -4.40 31.76
CA LEU A 897 5.23 -3.61 31.11
C LEU A 897 3.93 -4.39 30.88
N ASN A 898 4.03 -5.67 30.57
CA ASN A 898 2.83 -6.47 30.34
C ASN A 898 1.93 -6.51 31.56
N ILE A 899 2.52 -6.53 32.77
CA ILE A 899 1.71 -6.47 33.99
C ILE A 899 1.05 -5.10 34.16
N MET A 900 1.65 -4.04 33.62
CA MET A 900 0.99 -2.73 33.66
C MET A 900 -0.19 -2.69 32.71
N VAL A 901 -0.02 -3.21 31.50
CA VAL A 901 -1.13 -3.26 30.54
C VAL A 901 -2.28 -4.12 31.06
N LYS A 902 -1.95 -5.26 31.66
CA LYS A 902 -2.96 -6.18 32.17
C LYS A 902 -3.97 -5.51 33.11
N GLU A 903 -3.49 -4.72 34.06
CA GLU A 903 -4.39 -4.21 35.10
C GLU A 903 -5.34 -3.14 34.58
N GLY A 904 -4.80 -2.13 33.88
CA GLY A 904 -5.67 -1.07 33.38
C GLY A 904 -6.54 -1.47 32.21
N PHE A 905 -5.95 -2.08 31.19
CA PHE A 905 -6.64 -2.27 29.91
C PHE A 905 -7.65 -3.43 29.88
N THR A 906 -7.45 -4.49 30.66
CA THR A 906 -8.30 -5.68 30.54
C THR A 906 -9.79 -5.31 30.59
N ASN A 907 -10.58 -6.05 29.80
CA ASN A 907 -12.01 -5.82 29.60
C ASN A 907 -12.82 -6.88 30.33
N ASP A 908 -13.68 -6.45 31.25
CA ASP A 908 -14.46 -7.32 32.10
C ASP A 908 -15.86 -7.62 31.58
N GLN A 909 -16.25 -7.11 30.41
CA GLN A 909 -17.65 -7.11 29.99
C GLN A 909 -17.92 -8.05 28.82
N TYR A 910 -16.89 -8.68 28.25
CA TYR A 910 -17.05 -9.53 27.07
C TYR A 910 -18.15 -10.56 27.28
N GLN A 911 -19.06 -10.67 26.31
CA GLN A 911 -20.17 -11.60 26.38
C GLN A 911 -20.24 -12.42 25.09
N GLU A 912 -20.72 -13.65 25.21
CA GLU A 912 -21.10 -14.48 24.07
C GLU A 912 -22.43 -15.18 24.35
N LEU A 913 -23.18 -15.40 23.27
CA LEU A 913 -24.46 -16.08 23.33
C LEU A 913 -24.24 -17.59 23.51
N ALA A 914 -24.71 -18.15 24.62
CA ALA A 914 -24.39 -19.52 24.97
C ALA A 914 -25.32 -20.52 24.31
N GLU A 915 -26.60 -20.17 24.14
CA GLU A 915 -27.59 -21.08 23.54
C GLU A 915 -28.57 -20.22 22.75
N PRO A 916 -28.49 -20.22 21.42
CA PRO A 916 -29.22 -19.22 20.63
C PRO A 916 -30.70 -19.13 20.95
N SER A 917 -31.35 -20.22 21.34
CA SER A 917 -32.76 -20.19 21.66
C SER A 917 -33.04 -19.61 23.04
N SER A 918 -32.03 -19.54 23.92
CA SER A 918 -32.29 -19.29 25.33
C SER A 918 -32.29 -17.80 25.68
N LEU A 919 -31.69 -16.94 24.85
CA LEU A 919 -31.38 -15.57 25.24
C LEU A 919 -30.52 -15.52 26.50
N THR A 920 -29.60 -16.47 26.64
CA THR A 920 -28.62 -16.47 27.72
C THR A 920 -27.23 -16.14 27.17
N TYR A 921 -26.61 -15.12 27.74
CA TYR A 921 -25.25 -14.72 27.41
C TYR A 921 -24.34 -14.93 28.61
N VAL A 922 -23.13 -15.40 28.37
CA VAL A 922 -22.14 -15.64 29.41
C VAL A 922 -21.05 -14.57 29.35
N THR A 923 -20.80 -13.92 30.48
CA THR A 923 -19.77 -12.89 30.56
C THR A 923 -18.38 -13.51 30.66
N ARG A 924 -17.44 -12.94 29.92
CA ARG A 924 -16.06 -13.43 29.90
C ARG A 924 -15.12 -12.30 30.35
N SER A 925 -13.82 -12.49 30.15
CA SER A 925 -12.87 -11.38 30.11
C SER A 925 -11.75 -11.70 29.13
N GLU A 926 -11.17 -10.66 28.53
CA GLU A 926 -10.13 -10.83 27.53
C GLU A 926 -9.13 -9.68 27.59
N ASN A 927 -7.86 -10.01 27.31
CA ASN A 927 -6.83 -8.99 27.09
C ASN A 927 -5.73 -9.60 26.24
N SER A 928 -5.57 -9.13 25.01
CA SER A 928 -4.64 -9.70 24.05
C SER A 928 -3.35 -8.89 23.81
N ILE A 929 -3.12 -7.80 24.53
CA ILE A 929 -2.08 -6.82 24.19
C ILE A 929 -0.82 -7.12 25.00
N PHE A 930 0.28 -7.44 24.30
CA PHE A 930 1.56 -7.75 24.95
C PHE A 930 2.73 -7.08 24.22
N PHE A 931 3.69 -6.59 25.01
CA PHE A 931 4.94 -6.02 24.51
C PHE A 931 5.97 -7.12 24.22
N GLU A 932 6.89 -6.84 23.30
CA GLU A 932 8.08 -7.68 23.13
C GLU A 932 9.33 -6.82 22.94
N VAL A 933 10.48 -7.45 23.12
CA VAL A 933 11.76 -6.79 23.30
C VAL A 933 12.70 -7.18 22.17
N ASP A 934 13.25 -6.19 21.47
CA ASP A 934 14.28 -6.39 20.46
C ASP A 934 15.64 -5.94 21.00
N GLY A 935 16.70 -6.27 20.25
CA GLY A 935 18.05 -5.89 20.60
C GLY A 935 18.64 -6.75 21.70
N PRO A 936 19.63 -6.22 22.45
CA PRO A 936 20.15 -4.85 22.44
C PRO A 936 21.10 -4.53 21.28
N TYR A 937 21.29 -3.25 20.97
CA TYR A 937 22.08 -2.79 19.84
C TYR A 937 23.41 -2.21 20.31
N LEU A 938 24.29 -1.93 19.34
CA LEU A 938 25.60 -1.35 19.65
C LEU A 938 25.55 0.17 19.78
N ALA A 939 25.04 0.87 18.76
CA ALA A 939 25.11 2.31 18.71
C ALA A 939 23.82 2.90 18.14
N MET A 940 23.55 4.15 18.51
CA MET A 940 22.32 4.84 18.15
C MET A 940 22.61 6.33 18.04
N ILE A 941 22.37 6.91 16.86
CA ILE A 941 22.68 8.31 16.60
C ILE A 941 21.43 9.03 16.15
N LEU A 942 21.04 10.08 16.88
CA LEU A 942 19.88 10.90 16.62
C LEU A 942 20.29 12.33 16.30
N PRO A 943 19.69 12.96 15.30
CA PRO A 943 20.02 14.34 14.95
C PRO A 943 19.24 15.36 15.79
N ALA A 944 19.62 16.63 15.62
CA ALA A 944 19.05 17.75 16.35
C ALA A 944 18.68 18.87 15.38
N SER A 945 17.74 19.70 15.80
CA SER A 945 17.21 20.76 14.95
C SER A 945 18.08 22.01 15.02
N LYS A 946 18.13 22.73 13.89
CA LYS A 946 18.84 24.01 13.82
C LYS A 946 18.10 25.13 14.56
N GLU A 947 16.77 25.07 14.60
CA GLU A 947 16.04 25.98 15.46
C GLU A 947 16.22 25.62 16.93
N GLU A 948 15.99 26.59 17.80
CA GLU A 948 16.27 26.43 19.22
C GLU A 948 15.27 25.50 19.89
N GLY A 949 13.98 25.75 19.69
CA GLY A 949 12.97 25.15 20.55
C GLY A 949 12.44 23.80 20.11
N LYS A 950 13.14 23.11 19.21
CA LYS A 950 12.56 21.97 18.52
C LYS A 950 13.63 20.89 18.38
N LYS A 951 13.15 19.64 18.21
CA LYS A 951 14.00 18.54 17.78
C LYS A 951 13.30 17.75 16.68
N LEU A 952 14.12 17.07 15.87
CA LEU A 952 13.60 16.35 14.71
C LEU A 952 13.01 15.02 15.15
N LYS A 953 11.79 14.73 14.71
CA LYS A 953 11.16 13.44 14.91
C LYS A 953 11.34 12.54 13.68
N LYS A 954 11.24 11.23 13.93
CA LYS A 954 11.21 10.23 12.86
C LYS A 954 12.50 10.17 12.05
N ARG A 955 13.65 10.48 12.65
CA ARG A 955 14.93 10.27 12.00
C ARG A 955 15.94 9.75 13.01
N TYR A 956 16.66 8.70 12.64
CA TYR A 956 17.74 8.16 13.47
C TYR A 956 18.50 7.11 12.67
N ALA A 957 19.64 6.70 13.24
CA ALA A 957 20.37 5.53 12.74
C ALA A 957 20.75 4.64 13.91
N VAL A 958 20.85 3.34 13.62
CA VAL A 958 21.19 2.33 14.63
C VAL A 958 22.11 1.29 13.99
N PHE A 959 23.03 0.77 14.80
CA PHE A 959 23.97 -0.27 14.37
C PHE A 959 23.90 -1.50 15.25
N ASN A 960 23.96 -2.67 14.62
CA ASN A 960 23.99 -3.94 15.33
C ASN A 960 25.29 -4.15 16.10
N GLU A 961 25.28 -5.14 16.99
CA GLU A 961 26.47 -5.57 17.71
C GLU A 961 27.64 -5.88 16.77
N ASP A 962 27.34 -6.40 15.57
CA ASP A 962 28.37 -6.70 14.59
C ASP A 962 28.94 -5.46 13.91
N GLY A 963 28.38 -4.28 14.19
CA GLY A 963 28.75 -3.09 13.46
C GLY A 963 28.12 -2.96 12.10
N SER A 964 27.29 -3.90 11.70
CA SER A 964 26.53 -3.78 10.46
C SER A 964 25.37 -2.82 10.71
N LEU A 965 24.97 -2.11 9.65
CA LEU A 965 23.92 -1.11 9.82
C LEU A 965 22.59 -1.80 10.10
N ALA A 966 22.01 -1.50 11.26
CA ALA A 966 20.71 -2.09 11.61
C ALA A 966 19.58 -1.28 11.01
N GLU A 967 19.58 0.03 11.22
CA GLU A 967 18.53 0.88 10.68
C GLU A 967 19.10 2.23 10.31
N LEU A 968 18.45 2.89 9.35
CA LEU A 968 18.84 4.25 8.95
C LEU A 968 17.61 4.89 8.31
N LYS A 969 16.83 5.61 9.12
CA LYS A 969 15.46 5.97 8.76
C LYS A 969 15.35 7.44 8.42
N GLY A 970 14.65 7.74 7.33
CA GLY A 970 14.27 9.10 7.00
C GLY A 970 15.28 9.95 6.26
N PHE A 971 16.57 9.69 6.43
CA PHE A 971 17.59 10.57 5.88
C PHE A 971 17.58 10.58 4.35
N GLU A 972 18.06 11.70 3.80
CA GLU A 972 18.07 11.93 2.35
C GLU A 972 18.82 10.83 1.59
N VAL A 973 19.78 10.17 2.24
CA VAL A 973 20.51 9.06 1.65
C VAL A 973 19.62 8.00 1.00
N LYS A 974 18.35 7.92 1.40
CA LYS A 974 17.44 6.95 0.81
C LYS A 974 16.38 7.55 -0.11
N ARG A 975 16.20 8.87 -0.12
CA ARG A 975 15.07 9.46 -0.79
C ARG A 975 15.31 9.53 -2.31
N ARG A 976 14.22 9.56 -3.06
CA ARG A 976 14.28 9.77 -4.49
C ARG A 976 14.57 11.23 -4.84
N GLY A 977 15.33 11.42 -5.91
CA GLY A 977 15.52 12.75 -6.48
C GLY A 977 16.13 13.72 -5.50
N GLU A 978 17.37 13.45 -5.10
CA GLU A 978 17.97 14.15 -3.98
C GLU A 978 19.47 14.29 -4.23
N LEU A 979 20.06 15.33 -3.64
CA LEU A 979 21.38 15.79 -4.05
C LEU A 979 22.44 14.77 -3.63
N GLN A 980 23.22 14.30 -4.62
CA GLN A 980 24.13 13.17 -4.39
C GLN A 980 25.24 13.50 -3.41
N LEU A 981 25.76 14.72 -3.43
CA LEU A 981 26.80 15.12 -2.48
C LEU A 981 26.34 14.96 -1.04
N ILE A 982 25.07 15.27 -0.77
CA ILE A 982 24.53 15.10 0.57
C ILE A 982 24.35 13.62 0.89
N LYS A 983 23.89 12.83 -0.07
CA LYS A 983 23.80 11.40 0.14
C LYS A 983 25.14 10.79 0.53
N ILE A 984 26.20 11.11 -0.22
CA ILE A 984 27.51 10.54 0.07
C ILE A 984 28.05 11.03 1.41
N PHE A 985 27.80 12.30 1.74
CA PHE A 985 28.25 12.79 3.05
C PHE A 985 27.56 12.05 4.18
N GLN A 986 26.23 12.02 4.15
CA GLN A 986 25.47 11.36 5.21
C GLN A 986 25.84 9.89 5.33
N SER A 987 26.08 9.22 4.20
CA SER A 987 26.57 7.85 4.24
C SER A 987 27.89 7.71 4.98
N SER A 988 28.87 8.56 4.65
CA SER A 988 30.19 8.39 5.23
C SER A 988 30.27 8.79 6.70
N VAL A 989 29.49 9.80 7.13
CA VAL A 989 29.56 10.19 8.54
C VAL A 989 29.02 9.10 9.45
N PHE A 990 27.91 8.44 9.10
CA PHE A 990 27.36 7.46 10.02
C PHE A 990 28.32 6.29 10.21
N GLU A 991 28.99 5.86 9.15
CA GLU A 991 30.05 4.87 9.30
C GLU A 991 31.21 5.41 10.13
N ALA A 992 31.44 6.73 10.11
CA ALA A 992 32.51 7.29 10.92
C ALA A 992 32.20 7.33 12.41
N PHE A 993 30.92 7.49 12.78
CA PHE A 993 30.56 7.47 14.20
C PHE A 993 30.95 6.19 14.93
N LEU A 994 31.00 5.05 14.24
CA LEU A 994 31.56 3.85 14.86
C LEU A 994 33.01 4.00 15.29
N LYS A 995 33.80 4.83 14.61
CA LYS A 995 35.21 4.95 14.93
C LYS A 995 35.40 5.71 16.25
N GLY A 996 36.65 5.73 16.72
CA GLY A 996 37.02 6.39 17.96
C GLY A 996 36.51 5.65 19.19
N SER A 997 36.85 6.21 20.36
CA SER A 997 36.62 5.54 21.64
C SER A 997 36.00 6.40 22.72
N THR A 998 35.98 7.73 22.57
CA THR A 998 35.23 8.59 23.46
C THR A 998 34.62 9.73 22.64
N LEU A 999 33.68 10.46 23.26
CA LEU A 999 32.95 11.48 22.53
C LEU A 999 33.90 12.44 21.83
N GLU A 1000 34.97 12.84 22.50
CA GLU A 1000 35.90 13.79 21.90
C GLU A 1000 36.73 13.17 20.78
N GLU A 1001 37.02 11.87 20.87
CA GLU A 1001 37.58 11.17 19.72
C GLU A 1001 36.58 11.03 18.59
N VAL A 1002 35.31 10.78 18.92
CA VAL A 1002 34.33 10.51 17.87
C VAL A 1002 34.05 11.78 17.09
N TYR A 1003 33.76 12.87 17.80
CA TYR A 1003 33.54 14.16 17.15
C TYR A 1003 34.79 14.71 16.49
N GLY A 1004 35.99 14.43 17.03
CA GLY A 1004 37.20 14.71 16.29
C GLY A 1004 37.34 13.93 14.99
N SER A 1005 36.82 12.69 14.96
CA SER A 1005 37.06 11.80 13.84
C SER A 1005 36.04 11.93 12.72
N VAL A 1006 34.80 12.30 13.03
CA VAL A 1006 33.86 12.61 11.96
C VAL A 1006 34.23 13.90 11.23
N ALA A 1007 34.80 14.88 11.93
CA ALA A 1007 35.10 16.18 11.32
C ALA A 1007 35.94 16.05 10.06
N LYS A 1008 36.90 15.13 10.05
CA LYS A 1008 37.74 14.91 8.87
C LYS A 1008 36.97 14.42 7.65
N VAL A 1009 35.76 13.90 7.82
CA VAL A 1009 34.93 13.56 6.66
C VAL A 1009 34.28 14.79 6.05
N ALA A 1010 33.88 15.76 6.89
CA ALA A 1010 33.27 16.98 6.38
C ALA A 1010 34.29 17.97 5.83
N ASP A 1011 35.47 18.04 6.45
CA ASP A 1011 36.52 18.91 5.90
C ASP A 1011 37.03 18.46 4.53
N TYR A 1012 36.89 17.19 4.19
CA TYR A 1012 37.19 16.75 2.82
C TYR A 1012 36.26 17.39 1.80
N TRP A 1013 34.97 17.40 2.11
CA TRP A 1013 33.99 17.95 1.18
C TRP A 1013 34.01 19.48 1.15
N LEU A 1014 34.21 20.13 2.30
CA LEU A 1014 34.45 21.57 2.23
C LEU A 1014 35.75 21.91 1.50
N ASP A 1015 36.79 21.08 1.56
CA ASP A 1015 37.96 21.30 0.71
C ASP A 1015 37.63 21.14 -0.76
N VAL A 1016 36.67 20.28 -1.08
CA VAL A 1016 36.24 20.14 -2.47
C VAL A 1016 35.50 21.39 -2.91
N LEU A 1017 34.50 21.81 -2.15
CA LEU A 1017 33.69 22.94 -2.57
C LEU A 1017 34.51 24.23 -2.62
N TYR A 1018 35.49 24.38 -1.72
CA TYR A 1018 36.40 25.51 -1.81
C TYR A 1018 37.46 25.35 -2.91
N SER A 1019 37.61 24.16 -3.48
CA SER A 1019 38.58 23.99 -4.57
C SER A 1019 37.95 24.05 -5.95
N LYS A 1020 36.62 24.13 -6.04
CA LYS A 1020 35.89 23.99 -7.29
C LYS A 1020 36.35 22.76 -8.07
N ALA A 1021 36.42 21.63 -7.36
CA ALA A 1021 36.69 20.33 -7.98
C ALA A 1021 37.99 20.36 -8.78
N ALA A 1022 39.08 20.77 -8.13
CA ALA A 1022 40.26 21.21 -8.86
C ALA A 1022 40.82 20.08 -9.72
N ASN A 1023 40.94 18.88 -9.15
CA ASN A 1023 41.41 17.72 -9.90
C ASN A 1023 40.29 16.91 -10.57
N MET A 1024 39.05 17.07 -10.13
CA MET A 1024 38.02 16.09 -10.47
C MET A 1024 37.70 16.12 -11.96
N PRO A 1025 37.88 15.02 -12.69
CA PRO A 1025 37.52 15.01 -14.11
C PRO A 1025 36.06 15.38 -14.34
N ASP A 1026 35.86 16.18 -15.39
CA ASP A 1026 34.61 16.92 -15.56
C ASP A 1026 33.39 16.02 -15.68
N SER A 1027 33.56 14.77 -16.10
CA SER A 1027 32.43 13.85 -16.19
C SER A 1027 31.88 13.44 -14.83
N GLU A 1028 32.69 13.53 -13.77
CA GLU A 1028 32.20 13.23 -12.44
C GLU A 1028 31.28 14.34 -11.93
N LEU A 1029 31.61 15.59 -12.26
CA LEU A 1029 31.02 16.74 -11.57
C LEU A 1029 29.52 16.85 -11.83
N PHE A 1030 29.09 16.56 -13.05
CA PHE A 1030 27.67 16.72 -13.40
C PHE A 1030 26.76 15.85 -12.54
N GLU A 1031 27.11 14.57 -12.37
CA GLU A 1031 26.29 13.69 -11.55
C GLU A 1031 26.41 14.03 -10.07
N LEU A 1032 27.58 14.48 -9.64
CA LEU A 1032 27.75 14.95 -8.26
C LEU A 1032 26.83 16.13 -7.95
N ILE A 1033 26.72 17.09 -8.85
CA ILE A 1033 26.10 18.37 -8.54
C ILE A 1033 24.61 18.45 -8.90
N SER A 1034 24.14 17.69 -9.88
CA SER A 1034 22.78 17.88 -10.37
C SER A 1034 21.74 17.20 -9.48
N GLU A 1035 20.61 17.87 -9.31
CA GLU A 1035 19.38 17.30 -8.76
C GLU A 1035 18.63 16.52 -9.83
N ASN A 1036 17.59 15.79 -9.39
CA ASN A 1036 16.84 14.89 -10.25
C ASN A 1036 15.35 14.87 -9.90
N ARG A 1037 14.80 15.97 -9.40
CA ARG A 1037 13.45 15.97 -8.86
C ARG A 1037 12.45 15.53 -9.93
N SER A 1038 11.28 15.08 -9.48
CA SER A 1038 10.22 14.59 -10.36
C SER A 1038 8.91 15.33 -10.11
N MET A 1039 8.16 15.54 -11.19
CA MET A 1039 6.97 16.38 -11.20
C MET A 1039 5.75 15.49 -11.44
N SER A 1040 4.79 15.55 -10.52
CA SER A 1040 3.72 14.55 -10.51
C SER A 1040 2.71 14.79 -11.64
N ARG A 1041 2.24 16.02 -11.80
CA ARG A 1041 1.17 16.33 -12.74
C ARG A 1041 1.72 16.92 -14.04
N LYS A 1042 0.85 16.97 -15.04
CA LYS A 1042 1.17 17.65 -16.29
C LYS A 1042 1.36 19.15 -16.09
N LEU A 1043 2.21 19.73 -16.95
CA LEU A 1043 2.71 21.08 -16.75
C LEU A 1043 1.60 22.13 -16.65
N GLU A 1044 0.49 21.95 -17.37
CA GLU A 1044 -0.62 22.87 -17.24
C GLU A 1044 -1.24 22.85 -15.85
N ASP A 1045 -1.28 21.69 -15.20
CA ASP A 1045 -2.20 21.52 -14.09
C ASP A 1045 -1.76 22.27 -12.83
N TYR A 1046 -0.50 22.68 -12.75
CA TYR A 1046 -0.06 23.55 -11.66
C TYR A 1046 -0.56 24.98 -11.80
N GLY A 1047 -1.04 25.37 -12.98
CA GLY A 1047 -1.65 26.68 -13.14
C GLY A 1047 -0.66 27.80 -12.87
N GLU A 1048 -1.02 28.65 -11.89
CA GLU A 1048 -0.23 29.82 -11.54
C GLU A 1048 1.00 29.49 -10.69
N GLN A 1049 1.06 28.30 -10.09
CA GLN A 1049 2.09 28.01 -9.12
C GLN A 1049 3.49 28.08 -9.74
N LYS A 1050 4.46 28.46 -8.90
CA LYS A 1050 5.85 28.61 -9.30
C LYS A 1050 6.72 27.68 -8.48
N SER A 1051 7.68 27.05 -9.14
CA SER A 1051 8.65 26.19 -8.46
C SER A 1051 9.81 25.93 -9.41
N THR A 1052 10.88 25.36 -8.85
CA THR A 1052 12.08 25.08 -9.65
C THR A 1052 11.82 23.99 -10.68
N SER A 1053 10.98 23.01 -10.36
CA SER A 1053 10.64 21.99 -11.35
C SER A 1053 9.76 22.56 -12.44
N ILE A 1054 8.72 23.30 -12.07
CA ILE A 1054 7.87 23.94 -13.09
C ILE A 1054 8.69 24.88 -13.95
N SER A 1055 9.51 25.72 -13.30
CA SER A 1055 10.33 26.68 -14.03
C SER A 1055 11.33 26.01 -14.95
N THR A 1056 11.82 24.81 -14.62
CA THR A 1056 12.69 24.13 -15.56
C THR A 1056 11.94 23.26 -16.56
N ALA A 1057 10.65 22.98 -16.31
CA ALA A 1057 9.84 22.35 -17.35
C ALA A 1057 9.56 23.34 -18.47
N LYS A 1058 9.16 24.56 -18.11
CA LYS A 1058 8.99 25.60 -19.12
C LYS A 1058 10.28 25.79 -19.92
N ARG A 1059 11.42 25.80 -19.23
CA ARG A 1059 12.74 25.87 -19.89
C ARG A 1059 13.01 24.69 -20.81
N LEU A 1060 12.45 23.51 -20.50
CA LEU A 1060 12.53 22.40 -21.44
C LEU A 1060 11.62 22.59 -22.65
N ALA A 1061 10.39 23.04 -22.42
CA ALA A 1061 9.48 23.32 -23.54
C ALA A 1061 10.09 24.34 -24.50
N GLU A 1062 10.67 25.41 -23.98
CA GLU A 1062 11.35 26.40 -24.81
C GLU A 1062 12.47 25.78 -25.65
N PHE A 1063 13.11 24.73 -25.15
CA PHE A 1063 14.33 24.20 -25.77
C PHE A 1063 14.04 23.04 -26.73
N LEU A 1064 12.99 22.27 -26.47
CA LEU A 1064 12.72 21.02 -27.18
C LEU A 1064 11.28 20.91 -27.66
N GLY A 1065 10.44 21.91 -27.37
CA GLY A 1065 9.06 21.89 -27.79
C GLY A 1065 8.19 20.96 -26.94
N ASP A 1066 6.87 21.11 -27.15
CA ASP A 1066 5.88 20.36 -26.40
C ASP A 1066 5.93 18.85 -26.64
N GLN A 1067 6.75 18.40 -27.60
CA GLN A 1067 7.02 16.97 -27.74
C GLN A 1067 7.54 16.33 -26.47
N MET A 1068 8.04 17.11 -25.51
CA MET A 1068 8.57 16.58 -24.26
C MET A 1068 7.64 16.76 -23.07
N VAL A 1069 6.95 17.89 -22.96
CA VAL A 1069 6.02 18.13 -21.86
C VAL A 1069 4.79 17.25 -21.94
N LYS A 1070 4.59 16.56 -23.06
CA LYS A 1070 3.30 16.00 -23.43
C LYS A 1070 2.70 15.12 -22.34
N ASP A 1071 3.53 14.44 -21.55
CA ASP A 1071 3.05 13.44 -20.61
C ASP A 1071 3.47 13.77 -19.18
N ALA A 1072 2.69 13.28 -18.23
CA ALA A 1072 2.95 13.41 -16.81
C ALA A 1072 4.14 12.56 -16.39
N GLY A 1073 4.53 12.71 -15.13
CA GLY A 1073 5.64 11.96 -14.57
C GLY A 1073 6.99 12.38 -15.11
N LEU A 1074 7.10 13.62 -15.57
CA LEU A 1074 8.35 14.14 -16.09
C LEU A 1074 9.39 14.21 -14.96
N SER A 1075 10.66 14.16 -15.34
CA SER A 1075 11.75 14.32 -14.39
C SER A 1075 12.71 15.41 -14.89
N CYS A 1076 13.17 16.23 -13.96
CA CYS A 1076 13.91 17.46 -14.27
C CYS A 1076 15.29 17.40 -13.62
N ARG A 1077 16.33 17.53 -14.44
CA ARG A 1077 17.71 17.61 -13.97
C ARG A 1077 18.22 19.01 -14.29
N TYR A 1078 18.60 19.76 -13.26
CA TYR A 1078 19.06 21.13 -13.44
C TYR A 1078 20.23 21.47 -12.53
N ILE A 1079 21.05 22.41 -12.98
CA ILE A 1079 22.00 23.11 -12.12
C ILE A 1079 21.39 24.48 -11.78
N ILE A 1080 21.95 25.13 -10.77
CA ILE A 1080 21.56 26.50 -10.42
C ILE A 1080 22.74 27.43 -10.63
N SER A 1081 22.45 28.60 -11.21
CA SER A 1081 23.44 29.46 -11.85
C SER A 1081 23.45 30.85 -11.22
N ARG A 1082 24.62 31.49 -11.26
CA ARG A 1082 24.82 32.77 -10.58
C ARG A 1082 24.26 33.94 -11.38
N LYS A 1083 24.62 34.03 -12.65
CA LYS A 1083 24.69 35.31 -13.35
C LYS A 1083 23.46 36.20 -13.25
N PRO A 1084 22.22 35.71 -13.22
CA PRO A 1084 21.12 36.67 -13.00
C PRO A 1084 21.03 37.14 -11.56
N GLU A 1085 21.98 38.01 -11.19
CA GLU A 1085 22.17 38.45 -9.81
C GLU A 1085 20.88 38.99 -9.22
N GLY A 1086 20.62 38.65 -7.96
CA GLY A 1086 19.45 39.11 -7.26
C GLY A 1086 18.14 38.46 -7.65
N SER A 1087 18.11 37.72 -8.76
CA SER A 1087 16.86 37.08 -9.14
C SER A 1087 16.62 35.85 -8.27
N PRO A 1088 15.36 35.58 -7.88
CA PRO A 1088 15.09 34.47 -6.97
C PRO A 1088 15.41 33.13 -7.61
N VAL A 1089 15.61 32.13 -6.75
CA VAL A 1089 16.27 30.90 -7.17
C VAL A 1089 15.46 30.18 -8.23
N THR A 1090 14.14 30.24 -8.14
CA THR A 1090 13.28 29.60 -9.13
C THR A 1090 13.62 30.00 -10.56
N GLU A 1091 14.25 31.16 -10.76
CA GLU A 1091 14.56 31.64 -12.10
C GLU A 1091 15.90 31.15 -12.64
N ARG A 1092 16.77 30.63 -11.79
CA ARG A 1092 18.15 30.33 -12.16
C ARG A 1092 18.38 28.86 -12.51
N ALA A 1093 17.34 28.04 -12.52
CA ALA A 1093 17.50 26.62 -12.82
C ALA A 1093 17.76 26.42 -14.31
N ILE A 1094 18.90 25.81 -14.64
CA ILE A 1094 19.32 25.60 -16.01
C ILE A 1094 19.37 24.09 -16.28
N PRO A 1095 18.61 23.59 -17.26
CA PRO A 1095 18.63 22.15 -17.55
C PRO A 1095 20.02 21.62 -17.88
N LEU A 1096 20.32 20.42 -17.36
CA LEU A 1096 21.62 19.80 -17.62
C LEU A 1096 21.80 19.46 -19.10
N ALA A 1097 20.70 19.16 -19.80
CA ALA A 1097 20.79 18.71 -21.18
C ALA A 1097 21.53 19.70 -22.06
N ILE A 1098 21.42 21.00 -21.75
CA ILE A 1098 22.01 22.01 -22.60
C ILE A 1098 23.51 21.83 -22.73
N PHE A 1099 24.16 21.22 -21.73
CA PHE A 1099 25.60 21.01 -21.80
C PHE A 1099 26.00 19.93 -22.79
N GLN A 1100 25.04 19.20 -23.37
CA GLN A 1100 25.29 18.26 -24.44
C GLN A 1100 24.75 18.72 -25.79
N ALA A 1101 24.04 19.84 -25.84
CA ALA A 1101 23.53 20.36 -27.10
C ALA A 1101 24.67 20.80 -28.02
N GLU A 1102 24.33 21.02 -29.27
CA GLU A 1102 25.28 21.58 -30.23
C GLU A 1102 25.77 22.95 -29.77
N PRO A 1103 27.06 23.26 -29.99
CA PRO A 1103 27.61 24.54 -29.50
C PRO A 1103 26.78 25.78 -29.83
N THR A 1104 26.31 25.90 -31.08
CA THR A 1104 25.51 27.07 -31.45
C THR A 1104 24.15 27.12 -30.77
N VAL A 1105 23.65 25.98 -30.30
CA VAL A 1105 22.42 25.98 -29.51
C VAL A 1105 22.71 26.30 -28.05
N ARG A 1106 23.73 25.65 -27.50
CA ARG A 1106 24.13 25.87 -26.12
C ARG A 1106 24.47 27.33 -25.85
N LYS A 1107 25.36 27.90 -26.67
CA LYS A 1107 25.72 29.30 -26.49
C LYS A 1107 24.52 30.23 -26.61
N HIS A 1108 23.69 30.04 -27.64
CA HIS A 1108 22.53 30.89 -27.85
C HIS A 1108 21.59 30.86 -26.65
N PHE A 1109 21.29 29.67 -26.14
CA PHE A 1109 20.34 29.59 -25.04
C PHE A 1109 20.94 30.00 -23.70
N LEU A 1110 22.22 29.73 -23.45
CA LEU A 1110 22.82 30.26 -22.23
C LEU A 1110 22.86 31.78 -22.27
N ARG A 1111 23.31 32.36 -23.39
CA ARG A 1111 23.33 33.81 -23.53
C ARG A 1111 21.95 34.41 -23.36
N LYS A 1112 20.90 33.64 -23.66
CA LYS A 1112 19.54 34.11 -23.40
C LYS A 1112 19.15 33.96 -21.93
N TRP A 1113 19.63 32.91 -21.27
CA TRP A 1113 19.27 32.61 -19.89
C TRP A 1113 20.15 33.33 -18.87
N LEU A 1114 21.44 33.46 -19.13
CA LEU A 1114 22.34 34.21 -18.26
C LEU A 1114 22.27 35.72 -18.49
N LYS A 1115 21.49 36.19 -19.47
CA LYS A 1115 21.41 37.62 -19.80
C LYS A 1115 22.78 38.28 -19.89
N SER A 1116 23.75 37.57 -20.48
CA SER A 1116 25.15 37.99 -20.47
C SER A 1116 25.67 37.89 -21.90
N SER A 1117 25.56 38.99 -22.64
CA SER A 1117 25.61 38.92 -24.10
C SER A 1117 26.97 38.50 -24.61
N SER A 1118 28.04 39.08 -24.06
CA SER A 1118 29.40 38.79 -24.48
C SER A 1118 30.06 37.68 -23.69
N LEU A 1119 29.29 36.91 -22.92
CA LEU A 1119 29.89 35.92 -22.03
C LEU A 1119 30.82 35.00 -22.81
N GLN A 1120 32.08 34.98 -22.42
CA GLN A 1120 33.09 34.21 -23.14
C GLN A 1120 33.13 32.75 -22.69
N ASP A 1121 33.09 32.52 -21.38
CA ASP A 1121 33.17 31.19 -20.80
C ASP A 1121 31.77 30.68 -20.49
N PHE A 1122 31.44 29.51 -21.02
CA PHE A 1122 30.26 28.76 -20.63
C PHE A 1122 30.62 27.49 -19.87
N ASP A 1123 31.86 27.37 -19.40
CA ASP A 1123 32.27 26.24 -18.59
C ASP A 1123 31.50 26.20 -17.28
N ILE A 1124 31.06 24.99 -16.91
CA ILE A 1124 30.21 24.82 -15.74
C ILE A 1124 30.87 25.37 -14.48
N ARG A 1125 32.20 25.28 -14.40
CA ARG A 1125 32.92 25.87 -13.27
C ARG A 1125 32.75 27.38 -13.20
N ALA A 1126 32.63 28.04 -14.35
CA ALA A 1126 32.32 29.47 -14.37
C ALA A 1126 30.87 29.76 -13.99
N ILE A 1127 29.94 28.88 -14.37
CA ILE A 1127 28.52 29.18 -14.20
C ILE A 1127 27.98 28.81 -12.82
N LEU A 1128 28.52 27.77 -12.19
CA LEU A 1128 27.94 27.26 -10.95
C LEU A 1128 27.88 28.34 -9.87
N ASP A 1129 26.75 28.41 -9.18
CA ASP A 1129 26.59 29.20 -7.95
C ASP A 1129 27.14 28.43 -6.74
N TRP A 1130 28.47 28.35 -6.67
CA TRP A 1130 29.11 27.50 -5.67
C TRP A 1130 28.63 27.79 -4.25
N ASP A 1131 28.36 29.06 -3.94
CA ASP A 1131 27.94 29.42 -2.59
C ASP A 1131 26.52 29.00 -2.25
N TYR A 1132 25.72 28.56 -3.20
CA TYR A 1132 24.48 27.88 -2.87
C TYR A 1132 24.77 26.48 -2.31
N TYR A 1133 25.63 25.73 -2.99
CA TYR A 1133 25.94 24.37 -2.58
C TYR A 1133 26.72 24.34 -1.28
N ILE A 1134 27.63 25.30 -1.09
CA ILE A 1134 28.35 25.36 0.19
C ILE A 1134 27.43 25.54 1.38
N GLU A 1135 26.34 26.30 1.22
CA GLU A 1135 25.38 26.44 2.33
C GLU A 1135 24.35 25.31 2.39
N ARG A 1136 24.17 24.57 1.29
CA ARG A 1136 23.42 23.31 1.40
C ARG A 1136 24.21 22.27 2.18
N LEU A 1137 25.52 22.18 1.93
CA LEU A 1137 26.34 21.26 2.72
C LEU A 1137 26.41 21.73 4.18
N GLY A 1138 26.75 22.99 4.39
CA GLY A 1138 26.75 23.62 5.69
C GLY A 1138 25.55 23.35 6.58
N SER A 1139 24.33 23.52 6.06
CA SER A 1139 23.17 23.27 6.91
C SER A 1139 22.93 21.79 7.22
N ALA A 1140 23.60 20.87 6.54
CA ALA A 1140 23.52 19.45 6.89
C ALA A 1140 24.61 19.00 7.85
N ILE A 1141 25.83 19.47 7.61
CA ILE A 1141 26.93 19.26 8.55
C ILE A 1141 26.60 19.87 9.91
N GLN A 1142 25.90 21.00 9.94
CA GLN A 1142 25.48 21.53 11.23
C GLN A 1142 24.63 20.51 11.96
N LYS A 1143 23.50 20.15 11.33
CA LYS A 1143 22.44 19.37 11.98
C LYS A 1143 22.92 17.98 12.38
N ILE A 1144 23.93 17.45 11.70
CA ILE A 1144 24.49 16.16 12.10
C ILE A 1144 25.62 16.31 13.11
N ILE A 1145 26.66 17.06 12.78
CA ILE A 1145 27.88 17.08 13.58
C ILE A 1145 27.84 18.11 14.71
N THR A 1146 27.60 19.38 14.40
CA THR A 1146 28.05 20.44 15.31
C THR A 1146 27.00 20.94 16.30
N ILE A 1147 25.73 21.04 15.95
CA ILE A 1147 24.75 21.44 16.96
C ILE A 1147 24.59 20.35 18.01
N PRO A 1148 24.50 19.07 17.64
CA PRO A 1148 24.49 18.03 18.69
C PRO A 1148 25.74 18.02 19.53
N ALA A 1149 26.90 18.30 18.92
CA ALA A 1149 28.12 18.42 19.69
C ALA A 1149 28.01 19.51 20.75
N ALA A 1150 27.46 20.67 20.36
CA ALA A 1150 27.18 21.72 21.33
C ALA A 1150 26.15 21.30 22.37
N LEU A 1151 25.35 20.29 22.07
CA LEU A 1151 24.44 19.73 23.06
C LEU A 1151 25.09 18.70 23.99
N GLN A 1152 26.33 18.30 23.73
CA GLN A 1152 27.05 17.32 24.54
C GLN A 1152 28.36 17.88 25.06
N GLN A 1153 28.35 19.16 25.43
CA GLN A 1153 29.45 19.77 26.20
C GLN A 1153 30.81 19.55 25.54
N VAL A 1154 30.83 19.61 24.21
CA VAL A 1154 32.07 19.74 23.46
C VAL A 1154 31.93 20.99 22.58
N LYS A 1155 33.07 21.64 22.33
CA LYS A 1155 33.05 22.80 21.45
C LYS A 1155 32.82 22.39 19.99
N ASN A 1156 32.53 23.38 19.16
CA ASN A 1156 32.34 23.19 17.73
C ASN A 1156 33.52 22.44 17.12
N PRO A 1157 33.34 21.22 16.61
CA PRO A 1157 34.47 20.44 16.12
C PRO A 1157 34.95 20.82 14.73
N VAL A 1158 34.21 21.63 13.99
CA VAL A 1158 34.65 22.10 12.68
C VAL A 1158 34.68 23.63 12.63
N PRO A 1159 35.86 24.24 12.54
CA PRO A 1159 35.94 25.71 12.65
C PRO A 1159 35.17 26.45 11.56
N ARG A 1160 35.13 25.91 10.34
CA ARG A 1160 34.63 26.64 9.19
C ARG A 1160 33.15 26.95 9.24
N VAL A 1161 32.37 26.25 10.05
CA VAL A 1161 30.91 26.37 10.06
C VAL A 1161 30.50 26.95 11.40
N LYS A 1162 29.93 28.14 11.38
CA LYS A 1162 29.58 28.85 12.61
C LYS A 1162 28.26 28.34 13.18
N HIS A 1163 28.10 28.52 14.49
CA HIS A 1163 26.84 28.26 15.15
C HIS A 1163 25.78 29.27 14.74
N PRO A 1164 24.50 28.91 14.84
CA PRO A 1164 23.44 29.91 14.75
C PRO A 1164 23.47 30.85 15.95
N ASP A 1165 22.99 32.07 15.74
CA ASP A 1165 23.24 33.15 16.70
C ASP A 1165 22.62 32.87 18.06
N TRP A 1166 21.46 32.20 18.10
CA TRP A 1166 20.86 31.86 19.39
C TRP A 1166 21.77 30.94 20.20
N LEU A 1167 22.41 29.97 19.53
CA LEU A 1167 23.33 29.09 20.22
C LEU A 1167 24.61 29.82 20.57
N HIS A 1168 25.05 30.74 19.70
CA HIS A 1168 26.25 31.51 19.99
C HIS A 1168 26.06 32.34 21.26
N LYS A 1169 24.89 32.98 21.40
CA LYS A 1169 24.55 33.66 22.65
C LYS A 1169 24.52 32.70 23.82
N LYS A 1170 23.82 31.57 23.69
CA LYS A 1170 23.66 30.70 24.85
C LYS A 1170 25.01 30.17 25.34
N LEU A 1171 25.87 29.76 24.40
CA LEU A 1171 27.23 29.35 24.76
C LEU A 1171 28.04 30.49 25.36
N LEU A 1172 27.95 31.69 24.80
CA LEU A 1172 28.76 32.79 25.31
C LEU A 1172 28.33 33.20 26.71
N GLU A 1173 27.02 33.21 26.97
CA GLU A 1173 26.54 33.50 28.32
C GLU A 1173 26.86 32.39 29.30
N LYS A 1174 26.74 31.13 28.88
CA LYS A 1174 27.01 30.03 29.80
C LYS A 1174 28.49 29.92 30.13
N ASN A 1175 29.36 30.29 29.18
CA ASN A 1175 30.79 30.32 29.44
C ASN A 1175 31.12 31.29 30.57
#